data_8SCT
#
_entry.id   8SCT
#
_cell.length_a   94.320
_cell.length_b   108.774
_cell.length_c   149.571
_cell.angle_alpha   90.000
_cell.angle_beta   90.000
_cell.angle_gamma   90.000
#
_symmetry.space_group_name_H-M   'P 21 21 21'
#
loop_
_entity.id
_entity.type
_entity.pdbx_description
1 polymer 'DNA polymerase I'
2 polymer 'DNA primer/product'
3 polymer 'DNA template'
4 non-polymer DIPHOSPHATE
5 non-polymer "2'-DEOXYGUANOSINE-5'-TRIPHOSPHATE"
6 non-polymer 'CALCIUM ION'
7 non-polymer 'SULFATE ION'
8 water water
#
loop_
_entity_poly.entity_id
_entity_poly.type
_entity_poly.pdbx_seq_one_letter_code
_entity_poly.pdbx_strand_id
1 'polypeptide(L)'
;KMAFTLADRVTEEMLADKAALVVEVVEENYHDAPIVGIAVVNEHGRFFLRPETALADPQFVAWLGDETKKKSMFDSKRAA
VALKWKGIELCGVSFDLLLAAYLLDPAQGVDDVAAAAKMKQYEAVRPDEAVYGKGAKRAVPDEPVLAEHLVRKAAAIWEL
ERPFLDELRRNEQDRLLVELEQPLSSILAEMEFAGVKVDTKRLEQMGKELAEQLGTVEQRIYELAGQEFNINSPKQLGVI
LFEKLQLPVLKKTKTGYSTSADVLEKLAPYHEIVENILHYRQLGKLQSTYIEGLLKVVRPATKKVHTIFNQALTQTGRLS
STEPNLQNIPIRLEEGRKIRQAFVPSESDWLIFAADYSQIELRVLAHIAEDDNLMEAFRRDLDIHTKTAMDIFQVSEDEV
TPNMRRQAKAVNFGIVYGISDYGLAQNLNISRKEAAEFIERYFESFPGVKRYMENIVQEAKQKGYVTTLLHRRRYLPDIT
SRNFNVRSFAERMAMNTPIQGSAADIIKKAMIDLNARLKEERLQAHLLLQVHDELILEAPKEEMERLCRLVPEVMEQAVT
LRVPLKVDYHYGSTWYDAK
;
A,D
2 'polydeoxyribonucleotide' (DG)(DC)(DG)(DA)(DT)(DC)(DA)(DG)(C42)(DG) B,E
3 'polydeoxyribonucleotide' (DC)(DA)(DC)(DG)(DC)(DT)(DG)(DA)(DT)(DC)(DG)(DC)(DA) C,F
#
loop_
_chem_comp.id
_chem_comp.type
_chem_comp.name
_chem_comp.formula
C42 DNA linking 3'-AMINO-2'-DEOXY-CYTIDINE-5'-MONOPHOSPHATE 'C9 H15 N4 O6 P'
CA non-polymer 'CALCIUM ION' 'Ca 2'
DA DNA linking 2'-DEOXYADENOSINE-5'-MONOPHOSPHATE 'C10 H14 N5 O6 P'
DC DNA linking 2'-DEOXYCYTIDINE-5'-MONOPHOSPHATE 'C9 H14 N3 O7 P'
DG DNA linking 2'-DEOXYGUANOSINE-5'-MONOPHOSPHATE 'C10 H14 N5 O7 P'
DGT non-polymer 2'-DEOXYGUANOSINE-5'-TRIPHOSPHATE 'C10 H16 N5 O13 P3'
DPO non-polymer DIPHOSPHATE 'O7 P2 -4'
DT DNA linking THYMIDINE-5'-MONOPHOSPHATE 'C10 H15 N2 O8 P'
SO4 non-polymer 'SULFATE ION' 'O4 S -2'
#
# COMPACT_ATOMS: atom_id res chain seq x y z
N LYS A 1 34.29 2.27 7.35
CA LYS A 1 33.99 2.75 8.70
C LYS A 1 33.92 1.58 9.67
N MET A 2 34.10 0.36 9.14
CA MET A 2 34.31 -0.83 9.97
C MET A 2 35.50 -1.59 9.43
N ALA A 3 36.45 -1.90 10.32
CA ALA A 3 37.69 -2.52 9.91
C ALA A 3 37.48 -4.01 9.71
N PHE A 4 38.00 -4.53 8.60
CA PHE A 4 38.01 -5.97 8.39
C PHE A 4 39.14 -6.30 7.42
N THR A 5 39.55 -7.57 7.42
CA THR A 5 40.55 -8.08 6.50
C THR A 5 39.86 -8.66 5.27
N LEU A 6 40.15 -8.10 4.10
CA LEU A 6 39.68 -8.67 2.83
C LEU A 6 40.71 -9.73 2.42
N ALA A 7 40.37 -11.00 2.65
CA ALA A 7 41.35 -12.07 2.67
C ALA A 7 41.45 -12.79 1.33
N ASP A 8 42.68 -13.05 0.89
CA ASP A 8 42.93 -13.75 -0.36
C ASP A 8 43.05 -15.26 -0.18
N ARG A 9 43.26 -15.71 1.06
CA ARG A 9 43.33 -17.13 1.38
C ARG A 9 42.76 -17.32 2.77
N VAL A 10 42.57 -18.58 3.15
CA VAL A 10 42.07 -18.93 4.47
C VAL A 10 43.26 -19.05 5.41
N THR A 11 43.17 -18.41 6.57
CA THR A 11 44.19 -18.54 7.60
C THR A 11 43.58 -19.20 8.83
N GLU A 12 44.47 -19.70 9.68
CA GLU A 12 44.07 -20.45 10.87
C GLU A 12 43.18 -19.62 11.78
N GLU A 13 43.42 -18.32 11.88
CA GLU A 13 42.64 -17.57 12.86
C GLU A 13 41.23 -17.28 12.37
N MET A 14 40.91 -17.58 11.10
CA MET A 14 39.52 -17.58 10.64
C MET A 14 38.77 -18.81 11.10
N LEU A 15 39.44 -19.78 11.71
CA LEU A 15 38.87 -21.08 12.04
C LEU A 15 38.78 -21.30 13.55
N ALA A 16 38.43 -20.25 14.29
CA ALA A 16 38.29 -20.34 15.74
C ALA A 16 37.11 -21.25 16.11
N ASP A 17 37.08 -21.69 17.37
CA ASP A 17 36.01 -22.59 17.76
C ASP A 17 34.69 -21.88 18.04
N LYS A 18 34.63 -20.55 17.87
CA LYS A 18 33.37 -19.82 17.97
CA LYS A 18 33.38 -19.81 18.00
C LYS A 18 33.44 -18.61 17.05
N ALA A 19 32.38 -18.40 16.27
CA ALA A 19 32.39 -17.33 15.28
C ALA A 19 30.97 -16.97 14.83
N ALA A 20 30.80 -15.71 14.43
CA ALA A 20 29.64 -15.32 13.64
C ALA A 20 29.98 -15.54 12.18
N LEU A 21 29.05 -16.15 11.44
CA LEU A 21 29.30 -16.56 10.06
C LEU A 21 28.18 -16.06 9.18
N VAL A 22 28.55 -15.41 8.08
CA VAL A 22 27.61 -14.99 7.04
C VAL A 22 28.00 -15.71 5.76
N VAL A 23 27.04 -16.40 5.16
CA VAL A 23 27.18 -17.04 3.85
C VAL A 23 26.04 -16.45 3.04
N GLU A 24 26.33 -15.48 2.19
CA GLU A 24 25.30 -14.62 1.62
C GLU A 24 24.72 -15.20 0.34
N VAL A 25 23.42 -15.41 0.34
CA VAL A 25 22.66 -15.87 -0.81
C VAL A 25 21.57 -14.84 -1.06
N VAL A 26 21.64 -14.15 -2.20
CA VAL A 26 20.80 -13.00 -2.46
C VAL A 26 19.43 -13.38 -3.03
N GLU A 27 19.36 -14.38 -3.91
CA GLU A 27 18.09 -14.75 -4.50
C GLU A 27 17.11 -15.25 -3.44
N GLU A 28 15.85 -14.85 -3.57
CA GLU A 28 14.83 -15.21 -2.58
C GLU A 28 14.76 -16.73 -2.41
N ASN A 29 14.60 -17.46 -3.51
CA ASN A 29 14.67 -18.91 -3.50
C ASN A 29 16.14 -19.32 -3.50
N TYR A 30 16.59 -19.97 -2.43
CA TYR A 30 18.02 -20.22 -2.31
C TYR A 30 18.43 -21.58 -2.84
N HIS A 31 17.50 -22.34 -3.42
CA HIS A 31 17.87 -23.64 -3.98
C HIS A 31 18.76 -23.43 -5.20
N ASP A 32 19.94 -24.04 -5.19
CA ASP A 32 20.85 -23.99 -6.33
C ASP A 32 21.18 -22.54 -6.70
N ALA A 33 21.34 -21.71 -5.72
CA ALA A 33 21.54 -20.31 -5.98
C ALA A 33 22.97 -19.92 -5.64
N PRO A 34 23.49 -18.85 -6.25
CA PRO A 34 24.88 -18.46 -6.02
C PRO A 34 25.10 -17.98 -4.58
N ILE A 35 26.27 -18.28 -4.07
CA ILE A 35 26.77 -17.74 -2.82
C ILE A 35 27.70 -16.60 -3.19
N VAL A 36 27.36 -15.37 -2.80
CA VAL A 36 28.08 -14.22 -3.36
C VAL A 36 29.25 -13.76 -2.49
N GLY A 37 29.34 -14.23 -1.26
CA GLY A 37 30.41 -13.79 -0.38
C GLY A 37 30.21 -14.42 0.97
N ILE A 38 31.25 -14.34 1.78
CA ILE A 38 31.30 -14.97 3.09
C ILE A 38 31.97 -14.02 4.07
N ALA A 39 31.44 -13.93 5.28
CA ALA A 39 32.06 -13.10 6.30
C ALA A 39 32.16 -13.89 7.59
N VAL A 40 33.25 -13.67 8.32
CA VAL A 40 33.53 -14.35 9.57
C VAL A 40 33.98 -13.31 10.58
N VAL A 41 33.32 -13.28 11.74
CA VAL A 41 33.77 -12.43 12.84
C VAL A 41 34.03 -13.32 14.05
N ASN A 42 35.20 -13.18 14.64
CA ASN A 42 35.49 -13.97 15.85
C ASN A 42 36.42 -13.17 16.77
N GLU A 43 37.00 -13.85 17.76
CA GLU A 43 37.87 -13.19 18.73
C GLU A 43 39.11 -12.59 18.07
N HIS A 44 39.56 -13.15 16.94
CA HIS A 44 40.78 -12.70 16.30
C HIS A 44 40.57 -11.56 15.31
N GLY A 45 39.32 -11.22 14.97
CA GLY A 45 39.10 -10.14 14.04
C GLY A 45 37.89 -10.39 13.15
N ARG A 46 37.81 -9.60 12.08
CA ARG A 46 36.71 -9.62 11.12
C ARG A 46 37.28 -9.90 9.74
N PHE A 47 36.64 -10.81 8.98
CA PHE A 47 37.20 -11.28 7.73
C PHE A 47 36.12 -11.39 6.66
N PHE A 48 36.47 -11.04 5.43
CA PHE A 48 35.67 -11.32 4.24
C PHE A 48 36.44 -12.30 3.35
N LEU A 49 35.72 -13.29 2.83
CA LEU A 49 36.29 -14.31 1.96
C LEU A 49 35.48 -14.37 0.68
N ARG A 50 36.17 -14.55 -0.44
CA ARG A 50 35.45 -14.80 -1.67
C ARG A 50 35.05 -16.27 -1.71
N PRO A 51 33.82 -16.58 -2.11
CA PRO A 51 33.36 -17.97 -2.04
C PRO A 51 34.18 -18.91 -2.92
N GLU A 52 34.66 -18.43 -4.07
CA GLU A 52 35.42 -19.31 -4.97
C GLU A 52 36.71 -19.81 -4.35
N THR A 53 37.25 -19.11 -3.34
CA THR A 53 38.44 -19.63 -2.67
C THR A 53 38.10 -20.31 -1.34
N ALA A 54 37.31 -19.68 -0.47
CA ALA A 54 36.97 -20.32 0.80
C ALA A 54 36.28 -21.68 0.62
N LEU A 55 35.37 -21.79 -0.34
CA LEU A 55 34.62 -23.05 -0.45
C LEU A 55 35.43 -24.14 -1.15
N ALA A 56 36.57 -23.80 -1.76
CA ALA A 56 37.49 -24.78 -2.28
C ALA A 56 38.68 -25.00 -1.36
N ASP A 57 38.71 -24.36 -0.19
CA ASP A 57 39.79 -24.58 0.76
C ASP A 57 39.43 -25.72 1.69
N PRO A 58 40.20 -26.81 1.73
CA PRO A 58 39.77 -27.96 2.54
C PRO A 58 39.70 -27.67 4.03
N GLN A 59 40.53 -26.75 4.55
CA GLN A 59 40.47 -26.42 5.98
C GLN A 59 39.21 -25.64 6.32
N PHE A 60 38.78 -24.75 5.42
CA PHE A 60 37.54 -24.03 5.66
C PHE A 60 36.34 -24.98 5.52
N VAL A 61 36.37 -25.87 4.53
CA VAL A 61 35.28 -26.83 4.40
C VAL A 61 35.18 -27.72 5.64
N ALA A 62 36.33 -28.16 6.16
CA ALA A 62 36.30 -29.00 7.35
C ALA A 62 35.77 -28.22 8.55
N TRP A 63 36.16 -26.95 8.67
CA TRP A 63 35.66 -26.11 9.75
C TRP A 63 34.14 -25.91 9.64
N LEU A 64 33.61 -25.74 8.43
CA LEU A 64 32.16 -25.61 8.25
C LEU A 64 31.43 -26.86 8.75
N GLY A 65 31.99 -28.05 8.49
CA GLY A 65 31.36 -29.30 8.84
C GLY A 65 31.66 -29.85 10.22
N ASP A 66 32.53 -29.20 10.98
CA ASP A 66 32.86 -29.66 12.32
C ASP A 66 31.86 -29.09 13.32
N GLU A 67 31.05 -29.97 13.93
CA GLU A 67 29.98 -29.56 14.82
C GLU A 67 30.48 -28.96 16.13
N THR A 68 31.76 -29.14 16.48
CA THR A 68 32.34 -28.57 17.68
C THR A 68 32.89 -27.17 17.46
N LYS A 69 32.90 -26.71 16.20
CA LYS A 69 33.22 -25.32 15.87
C LYS A 69 31.88 -24.60 15.77
N LYS A 70 31.58 -23.76 16.75
CA LYS A 70 30.25 -23.19 16.90
C LYS A 70 30.12 -21.92 16.07
N LYS A 71 28.98 -21.79 15.40
CA LYS A 71 28.71 -20.66 14.54
C LYS A 71 27.38 -20.03 14.91
N SER A 72 27.37 -18.70 15.02
CA SER A 72 26.15 -17.93 15.17
CA SER A 72 26.15 -17.94 15.17
C SER A 72 25.83 -17.30 13.82
N MET A 73 24.56 -17.39 13.41
CA MET A 73 24.16 -16.97 12.07
C MET A 73 22.81 -16.27 12.10
N PHE A 74 22.45 -15.71 10.95
CA PHE A 74 21.09 -15.26 10.66
C PHE A 74 20.57 -16.12 9.50
N ASP A 75 19.49 -16.87 9.75
CA ASP A 75 18.85 -17.73 8.74
C ASP A 75 19.82 -18.80 8.26
N SER A 76 20.21 -19.66 9.20
CA SER A 76 21.17 -20.72 8.90
C SER A 76 20.62 -21.75 7.91
N LYS A 77 19.31 -21.92 7.83
CA LYS A 77 18.75 -22.89 6.88
C LYS A 77 19.09 -22.49 5.45
N ARG A 78 18.91 -21.20 5.14
CA ARG A 78 19.30 -20.65 3.84
C ARG A 78 20.76 -20.98 3.51
N ALA A 79 21.67 -20.74 4.47
CA ALA A 79 23.07 -21.02 4.20
C ALA A 79 23.32 -22.53 4.08
N ALA A 80 22.71 -23.32 4.98
CA ALA A 80 22.95 -24.76 4.97
C ALA A 80 22.46 -25.39 3.66
N VAL A 81 21.29 -24.98 3.16
CA VAL A 81 20.78 -25.55 1.93
C VAL A 81 21.63 -25.13 0.74
N ALA A 82 21.96 -23.83 0.65
CA ALA A 82 22.81 -23.36 -0.45
C ALA A 82 24.18 -24.03 -0.40
N LEU A 83 24.71 -24.28 0.80
CA LEU A 83 25.95 -25.06 0.91
C LEU A 83 25.76 -26.50 0.45
N LYS A 84 24.60 -27.11 0.76
CA LYS A 84 24.36 -28.47 0.24
C LYS A 84 24.36 -28.47 -1.28
N TRP A 85 23.80 -27.44 -1.92
CA TRP A 85 23.84 -27.40 -3.38
C TRP A 85 25.26 -27.21 -3.91
N LYS A 86 26.20 -26.76 -3.07
CA LYS A 86 27.61 -26.80 -3.40
C LYS A 86 28.29 -28.07 -2.93
N GLY A 87 27.54 -29.06 -2.46
CA GLY A 87 28.13 -30.28 -1.90
C GLY A 87 28.92 -30.10 -0.61
N ILE A 88 28.54 -29.15 0.24
CA ILE A 88 29.28 -28.83 1.45
C ILE A 88 28.34 -28.92 2.64
N GLU A 89 28.77 -29.62 3.70
CA GLU A 89 27.97 -29.76 4.91
C GLU A 89 28.30 -28.65 5.91
N LEU A 90 27.26 -28.00 6.43
CA LEU A 90 27.38 -27.02 7.51
C LEU A 90 26.85 -27.62 8.81
N CYS A 91 27.69 -27.67 9.85
CA CYS A 91 27.32 -28.16 11.17
C CYS A 91 27.76 -27.14 12.21
N GLY A 92 27.35 -27.39 13.46
CA GLY A 92 27.78 -26.56 14.58
C GLY A 92 27.08 -25.22 14.73
N VAL A 93 25.90 -25.04 14.15
CA VAL A 93 25.18 -23.79 14.32
C VAL A 93 24.55 -23.77 15.71
N SER A 94 25.01 -22.86 16.57
CA SER A 94 24.56 -22.81 17.96
C SER A 94 23.67 -21.62 18.25
N PHE A 95 23.52 -20.68 17.33
CA PHE A 95 22.62 -19.54 17.51
C PHE A 95 22.16 -19.03 16.15
N ASP A 96 20.85 -18.84 15.99
CA ASP A 96 20.27 -18.33 14.76
C ASP A 96 19.44 -17.08 15.06
N LEU A 97 19.98 -15.92 14.67
CA LEU A 97 19.34 -14.67 15.05
C LEU A 97 17.94 -14.52 14.43
N LEU A 98 17.69 -15.09 13.25
CA LEU A 98 16.34 -15.03 12.69
C LEU A 98 15.35 -15.72 13.63
N LEU A 99 15.66 -16.94 14.07
CA LEU A 99 14.71 -17.71 14.88
C LEU A 99 14.56 -17.12 16.27
N ALA A 100 15.67 -16.60 16.85
CA ALA A 100 15.61 -15.88 18.12
C ALA A 100 14.65 -14.70 18.03
N ALA A 101 14.76 -13.88 16.99
CA ALA A 101 13.87 -12.73 16.85
C ALA A 101 12.43 -13.17 16.59
N TYR A 102 12.25 -14.23 15.83
CA TYR A 102 10.90 -14.70 15.58
C TYR A 102 10.22 -15.14 16.87
N LEU A 103 10.96 -15.83 17.74
CA LEU A 103 10.40 -16.24 19.04
C LEU A 103 10.08 -15.04 19.93
N LEU A 104 10.92 -14.00 19.93
CA LEU A 104 10.65 -12.89 20.84
C LEU A 104 9.42 -12.10 20.43
N ASP A 105 9.16 -12.01 19.15
CA ASP A 105 8.04 -11.25 18.65
C ASP A 105 7.83 -11.57 17.18
N PRO A 106 6.98 -12.52 16.87
CA PRO A 106 6.76 -12.91 15.47
C PRO A 106 6.14 -11.80 14.63
N ALA A 107 5.51 -10.80 15.25
CA ALA A 107 4.88 -9.75 14.46
C ALA A 107 5.86 -8.73 13.90
N GLN A 108 7.12 -8.73 14.36
CA GLN A 108 8.10 -7.81 13.79
C GLN A 108 8.30 -8.03 12.29
N GLY A 109 8.04 -9.25 11.80
CA GLY A 109 8.32 -9.54 10.41
C GLY A 109 9.79 -9.48 10.06
N VAL A 110 10.67 -9.66 11.06
CA VAL A 110 12.11 -9.59 10.90
C VAL A 110 12.53 -10.44 9.71
N ASP A 111 13.04 -9.80 8.66
CA ASP A 111 13.49 -10.49 7.47
C ASP A 111 14.94 -10.25 7.10
N ASP A 112 15.69 -9.47 7.89
CA ASP A 112 17.13 -9.34 7.68
C ASP A 112 17.79 -8.94 9.00
N VAL A 113 19.12 -9.03 9.03
CA VAL A 113 19.88 -8.73 10.24
C VAL A 113 19.53 -7.35 10.76
N ALA A 114 19.38 -6.36 9.87
CA ALA A 114 19.11 -4.99 10.32
C ALA A 114 17.82 -4.91 11.13
N ALA A 115 16.78 -5.64 10.70
CA ALA A 115 15.51 -5.54 11.40
C ALA A 115 15.59 -6.18 12.79
N ALA A 116 16.29 -7.31 12.90
CA ALA A 116 16.52 -7.91 14.21
C ALA A 116 17.38 -7.01 15.11
N ALA A 117 18.43 -6.41 14.54
CA ALA A 117 19.32 -5.58 15.34
C ALA A 117 18.58 -4.39 15.96
N LYS A 118 17.65 -3.80 15.19
CA LYS A 118 16.84 -2.70 15.66
C LYS A 118 16.05 -3.05 16.92
N MET A 119 15.72 -4.33 17.10
CA MET A 119 15.02 -4.71 18.33
C MET A 119 15.86 -4.41 19.56
N LYS A 120 17.19 -4.37 19.41
CA LYS A 120 18.10 -4.14 20.54
C LYS A 120 18.84 -2.81 20.42
N GLN A 121 18.36 -1.90 19.58
CA GLN A 121 18.94 -0.56 19.42
C GLN A 121 20.33 -0.62 18.81
N TYR A 122 20.56 -1.63 17.97
CA TYR A 122 21.83 -1.79 17.26
C TYR A 122 21.57 -1.36 15.81
N GLU A 123 22.35 -0.40 15.33
CA GLU A 123 22.02 0.15 14.02
C GLU A 123 23.25 0.33 13.15
N ALA A 124 24.35 -0.34 13.46
CA ALA A 124 25.55 -0.26 12.62
C ALA A 124 25.54 -1.31 11.52
N VAL A 125 24.42 -1.50 10.84
CA VAL A 125 24.30 -2.44 9.74
C VAL A 125 23.13 -1.97 8.88
N ARG A 126 23.25 -2.13 7.57
CA ARG A 126 22.21 -1.63 6.70
C ARG A 126 21.18 -2.70 6.36
N PRO A 127 19.93 -2.30 6.07
CA PRO A 127 18.96 -3.28 5.54
C PRO A 127 19.43 -3.86 4.21
N ASP A 128 19.18 -5.15 4.02
CA ASP A 128 19.59 -5.82 2.79
C ASP A 128 19.06 -5.11 1.54
N GLU A 129 17.86 -4.55 1.64
CA GLU A 129 17.22 -3.89 0.52
C GLU A 129 17.95 -2.59 0.14
N ALA A 130 18.49 -1.90 1.14
CA ALA A 130 19.30 -0.72 0.84
C ALA A 130 20.61 -1.10 0.16
N VAL A 131 21.09 -2.32 0.34
CA VAL A 131 22.38 -2.68 -0.24
C VAL A 131 22.20 -3.30 -1.62
N TYR A 132 21.18 -4.13 -1.80
CA TYR A 132 20.98 -4.85 -3.04
C TYR A 132 19.97 -4.17 -3.96
N GLY A 133 19.17 -3.23 -3.45
CA GLY A 133 18.09 -2.63 -4.21
C GLY A 133 16.90 -3.57 -4.28
N LYS A 134 15.86 -3.10 -4.99
CA LYS A 134 14.60 -3.80 -5.13
C LYS A 134 14.33 -4.16 -6.59
N GLY A 135 13.39 -5.10 -6.77
CA GLY A 135 12.83 -5.45 -8.06
C GLY A 135 13.83 -5.54 -9.20
N ALA A 136 13.56 -4.80 -10.29
CA ALA A 136 14.41 -4.90 -11.47
C ALA A 136 15.79 -4.30 -11.24
N LYS A 137 15.93 -3.37 -10.27
CA LYS A 137 17.24 -2.78 -9.95
C LYS A 137 18.09 -3.63 -9.02
N ARG A 138 17.61 -4.79 -8.56
CA ARG A 138 18.36 -5.60 -7.62
C ARG A 138 19.68 -6.04 -8.22
N ALA A 139 20.78 -5.88 -7.48
CA ALA A 139 22.07 -6.37 -7.97
C ALA A 139 23.09 -6.48 -6.84
N VAL A 140 24.08 -7.32 -7.10
CA VAL A 140 25.21 -7.49 -6.19
C VAL A 140 26.07 -6.23 -6.28
N PRO A 141 26.32 -5.52 -5.19
CA PRO A 141 27.13 -4.31 -5.30
C PRO A 141 28.59 -4.63 -5.56
N ASP A 142 29.40 -3.59 -5.71
CA ASP A 142 30.83 -3.76 -5.86
C ASP A 142 31.41 -4.46 -4.63
N GLU A 143 32.42 -5.31 -4.85
CA GLU A 143 33.01 -6.11 -3.77
C GLU A 143 33.29 -5.33 -2.48
N PRO A 144 33.91 -4.14 -2.51
CA PRO A 144 34.15 -3.46 -1.23
C PRO A 144 32.85 -3.12 -0.52
N VAL A 145 31.82 -2.75 -1.27
CA VAL A 145 30.52 -2.49 -0.65
C VAL A 145 29.92 -3.78 -0.12
N LEU A 146 30.00 -4.86 -0.90
CA LEU A 146 29.49 -6.17 -0.46
C LEU A 146 30.21 -6.63 0.81
N ALA A 147 31.53 -6.57 0.81
CA ALA A 147 32.32 -7.09 1.92
C ALA A 147 32.01 -6.36 3.22
N GLU A 148 31.97 -5.03 3.19
CA GLU A 148 31.61 -4.27 4.39
C GLU A 148 30.21 -4.61 4.87
N HIS A 149 29.28 -4.85 3.93
CA HIS A 149 27.92 -5.18 4.34
C HIS A 149 27.90 -6.54 5.05
N LEU A 150 28.61 -7.54 4.50
CA LEU A 150 28.58 -8.86 5.13
C LEU A 150 29.34 -8.84 6.46
N VAL A 151 30.44 -8.09 6.53
CA VAL A 151 31.17 -7.98 7.79
C VAL A 151 30.28 -7.33 8.86
N ARG A 152 29.57 -6.26 8.51
CA ARG A 152 28.68 -5.62 9.48
C ARG A 152 27.54 -6.54 9.90
N LYS A 153 27.03 -7.38 9.00
CA LYS A 153 26.00 -8.32 9.45
C LYS A 153 26.58 -9.34 10.42
N ALA A 154 27.79 -9.81 10.15
CA ALA A 154 28.43 -10.73 11.06
C ALA A 154 28.73 -10.07 12.41
N ALA A 155 29.31 -8.87 12.39
CA ALA A 155 29.62 -8.17 13.63
C ALA A 155 28.36 -7.97 14.46
N ALA A 156 27.25 -7.63 13.80
CA ALA A 156 25.98 -7.50 14.52
C ALA A 156 25.55 -8.83 15.14
N ILE A 157 25.64 -9.92 14.37
CA ILE A 157 25.31 -11.23 14.93
C ILE A 157 26.18 -11.50 16.15
N TRP A 158 27.47 -11.22 16.03
CA TRP A 158 28.41 -11.42 17.13
C TRP A 158 27.98 -10.66 18.37
N GLU A 159 27.54 -9.41 18.21
CA GLU A 159 27.15 -8.57 19.33
C GLU A 159 25.76 -8.89 19.88
N LEU A 160 24.83 -9.36 19.05
CA LEU A 160 23.44 -9.47 19.47
C LEU A 160 23.08 -10.80 20.13
N GLU A 161 23.90 -11.84 19.96
CA GLU A 161 23.56 -13.14 20.54
C GLU A 161 23.30 -13.03 22.04
N ARG A 162 24.21 -12.41 22.79
CA ARG A 162 24.03 -12.32 24.24
C ARG A 162 22.75 -11.60 24.63
N PRO A 163 22.42 -10.41 24.11
CA PRO A 163 21.17 -9.78 24.55
C PRO A 163 19.92 -10.50 24.04
N PHE A 164 20.00 -11.20 22.91
CA PHE A 164 18.85 -12.00 22.50
C PHE A 164 18.67 -13.22 23.39
N LEU A 165 19.76 -13.88 23.77
CA LEU A 165 19.63 -15.01 24.67
C LEU A 165 19.06 -14.60 26.01
N ASP A 166 19.46 -13.42 26.52
CA ASP A 166 18.99 -12.97 27.84
C ASP A 166 17.49 -12.78 27.84
N GLU A 167 16.95 -12.10 26.82
CA GLU A 167 15.51 -11.92 26.76
C GLU A 167 14.77 -13.24 26.50
N LEU A 168 15.35 -14.12 25.69
CA LEU A 168 14.74 -15.44 25.49
C LEU A 168 14.58 -16.17 26.81
N ARG A 169 15.64 -16.18 27.62
CA ARG A 169 15.62 -16.80 28.94
C ARG A 169 14.55 -16.18 29.85
N ARG A 170 14.43 -14.84 29.86
CA ARG A 170 13.41 -14.20 30.68
C ARG A 170 12.00 -14.59 30.22
N ASN A 171 11.83 -14.87 28.93
CA ASN A 171 10.56 -15.33 28.40
C ASN A 171 10.35 -16.84 28.56
N GLU A 172 11.32 -17.58 29.11
CA GLU A 172 11.21 -19.03 29.14
C GLU A 172 11.22 -19.63 27.72
N GLN A 173 11.92 -18.97 26.79
CA GLN A 173 12.01 -19.40 25.40
C GLN A 173 13.41 -19.84 24.98
N ASP A 174 14.39 -19.90 25.90
CA ASP A 174 15.74 -20.24 25.46
C ASP A 174 15.84 -21.70 25.03
N ARG A 175 15.17 -22.62 25.72
CA ARG A 175 15.20 -24.01 25.30
C ARG A 175 14.31 -24.26 24.09
N LEU A 176 13.29 -23.44 23.89
CA LEU A 176 12.49 -23.52 22.69
C LEU A 176 13.34 -23.24 21.44
N LEU A 177 14.30 -22.32 21.56
CA LEU A 177 15.22 -22.01 20.47
C LEU A 177 16.27 -23.10 20.29
N VAL A 178 16.95 -23.47 21.38
CA VAL A 178 18.15 -24.31 21.31
C VAL A 178 17.80 -25.79 21.10
N GLU A 179 16.67 -26.23 21.63
CA GLU A 179 16.28 -27.63 21.64
C GLU A 179 15.15 -27.95 20.66
N LEU A 180 14.37 -26.95 20.24
CA LEU A 180 13.31 -27.17 19.27
C LEU A 180 13.61 -26.47 17.96
N GLU A 181 13.62 -25.14 17.90
CA GLU A 181 13.63 -24.45 16.61
C GLU A 181 14.95 -24.64 15.86
N GLN A 182 16.10 -24.56 16.54
CA GLN A 182 17.37 -24.73 15.83
C GLN A 182 17.57 -26.18 15.35
N PRO A 183 17.33 -27.21 16.18
CA PRO A 183 17.39 -28.58 15.61
C PRO A 183 16.40 -28.79 14.46
N LEU A 184 15.20 -28.23 14.54
CA LEU A 184 14.25 -28.38 13.44
C LEU A 184 14.77 -27.73 12.16
N SER A 185 15.45 -26.59 12.28
CA SER A 185 16.00 -25.90 11.13
C SER A 185 16.89 -26.80 10.27
N SER A 186 17.81 -27.54 10.91
CA SER A 186 18.63 -28.54 10.22
C SER A 186 17.79 -29.63 9.57
N ILE A 187 16.68 -30.01 10.20
CA ILE A 187 15.87 -31.07 9.63
C ILE A 187 15.12 -30.57 8.40
N LEU A 188 14.54 -29.37 8.46
CA LEU A 188 13.89 -28.80 7.28
C LEU A 188 14.87 -28.63 6.12
N ALA A 189 16.13 -28.23 6.42
CA ALA A 189 17.14 -28.10 5.37
C ALA A 189 17.32 -29.41 4.61
N GLU A 190 17.41 -30.53 5.34
CA GLU A 190 17.48 -31.83 4.70
C GLU A 190 16.25 -32.13 3.86
N MET A 191 15.06 -31.84 4.40
CA MET A 191 13.84 -32.14 3.65
C MET A 191 13.77 -31.34 2.37
N GLU A 192 14.06 -30.04 2.45
CA GLU A 192 14.01 -29.18 1.28
C GLU A 192 15.01 -29.64 0.24
N PHE A 193 16.21 -30.06 0.67
CA PHE A 193 17.25 -30.39 -0.28
C PHE A 193 16.97 -31.71 -0.94
N ALA A 194 16.46 -32.68 -0.18
CA ALA A 194 16.09 -33.96 -0.77
C ALA A 194 15.02 -33.76 -1.84
N GLY A 195 14.07 -32.86 -1.60
CA GLY A 195 13.00 -32.62 -2.55
C GLY A 195 12.04 -33.80 -2.66
N VAL A 196 11.07 -33.65 -3.55
CA VAL A 196 10.02 -34.63 -3.80
C VAL A 196 9.96 -34.89 -5.31
N LYS A 197 10.09 -36.16 -5.71
CA LYS A 197 10.08 -36.49 -7.12
C LYS A 197 8.66 -36.42 -7.71
N VAL A 198 8.58 -35.99 -8.96
CA VAL A 198 7.32 -35.71 -9.65
C VAL A 198 7.28 -36.49 -10.97
N ASP A 199 6.16 -37.17 -11.22
CA ASP A 199 5.91 -37.90 -12.48
C ASP A 199 5.43 -36.90 -13.52
N THR A 200 6.39 -36.31 -14.26
CA THR A 200 6.04 -35.24 -15.20
C THR A 200 5.23 -35.75 -16.38
N LYS A 201 5.42 -37.01 -16.80
CA LYS A 201 4.59 -37.56 -17.86
C LYS A 201 3.12 -37.58 -17.45
N ARG A 202 2.82 -38.09 -16.24
CA ARG A 202 1.43 -38.17 -15.83
C ARG A 202 0.84 -36.78 -15.63
N LEU A 203 1.62 -35.87 -15.04
CA LEU A 203 1.16 -34.49 -14.84
C LEU A 203 0.81 -33.83 -16.17
N GLU A 204 1.67 -33.99 -17.17
CA GLU A 204 1.41 -33.35 -18.46
C GLU A 204 0.21 -33.98 -19.15
N GLN A 205 0.03 -35.29 -18.99
CA GLN A 205 -1.15 -35.95 -19.56
C GLN A 205 -2.42 -35.45 -18.88
N MET A 206 -2.43 -35.35 -17.54
CA MET A 206 -3.58 -34.77 -16.86
C MET A 206 -3.82 -33.34 -17.33
N GLY A 207 -2.74 -32.59 -17.56
CA GLY A 207 -2.91 -31.20 -17.96
C GLY A 207 -3.57 -31.06 -19.31
N LYS A 208 -3.24 -31.95 -20.24
CA LYS A 208 -3.85 -31.90 -21.56
C LYS A 208 -5.32 -32.31 -21.54
N GLU A 209 -5.70 -33.26 -20.68
CA GLU A 209 -7.12 -33.58 -20.54
C GLU A 209 -7.88 -32.46 -19.85
N LEU A 210 -7.27 -31.85 -18.83
CA LEU A 210 -7.85 -30.69 -18.16
C LEU A 210 -8.24 -29.62 -19.16
N ALA A 211 -7.33 -29.32 -20.10
CA ALA A 211 -7.57 -28.25 -21.06
C ALA A 211 -8.77 -28.57 -21.94
N GLU A 212 -8.91 -29.84 -22.32
CA GLU A 212 -10.07 -30.25 -23.10
C GLU A 212 -11.36 -30.07 -22.28
N GLN A 213 -11.35 -30.51 -21.03
CA GLN A 213 -12.54 -30.33 -20.20
C GLN A 213 -12.82 -28.85 -19.97
N LEU A 214 -11.78 -28.04 -19.77
CA LEU A 214 -11.96 -26.61 -19.56
C LEU A 214 -12.74 -25.96 -20.71
N GLY A 215 -12.35 -26.27 -21.95
CA GLY A 215 -13.02 -25.70 -23.11
C GLY A 215 -14.50 -26.07 -23.17
N THR A 216 -14.80 -27.36 -22.98
CA THR A 216 -16.18 -27.84 -22.91
C THR A 216 -17.02 -27.04 -21.94
N VAL A 217 -16.60 -27.01 -20.66
CA VAL A 217 -17.34 -26.30 -19.62
C VAL A 217 -17.43 -24.82 -19.95
N GLU A 218 -16.36 -24.27 -20.50
CA GLU A 218 -16.35 -22.85 -20.86
C GLU A 218 -17.41 -22.55 -21.91
N GLN A 219 -17.59 -23.47 -22.88
CA GLN A 219 -18.60 -23.25 -23.91
C GLN A 219 -20.01 -23.35 -23.35
N ARG A 220 -20.29 -24.32 -22.47
CA ARG A 220 -21.62 -24.41 -21.91
C ARG A 220 -21.94 -23.21 -21.02
N ILE A 221 -20.92 -22.53 -20.49
CA ILE A 221 -21.15 -21.29 -19.75
C ILE A 221 -21.62 -20.20 -20.70
N TYR A 222 -20.97 -20.06 -21.86
CA TYR A 222 -21.36 -19.04 -22.81
C TYR A 222 -22.77 -19.26 -23.33
N GLU A 223 -23.13 -20.51 -23.61
CA GLU A 223 -24.48 -20.79 -24.10
C GLU A 223 -25.53 -20.77 -23.00
N LEU A 224 -25.12 -20.84 -21.72
CA LEU A 224 -26.06 -20.60 -20.63
C LEU A 224 -26.18 -19.11 -20.33
N ALA A 225 -25.11 -18.36 -20.55
CA ALA A 225 -25.11 -16.92 -20.43
C ALA A 225 -25.73 -16.24 -21.64
N GLY A 226 -26.13 -17.01 -22.66
CA GLY A 226 -26.70 -16.47 -23.88
C GLY A 226 -25.66 -15.81 -24.76
N GLN A 227 -24.50 -15.52 -24.18
CA GLN A 227 -23.45 -14.75 -24.85
C GLN A 227 -22.11 -15.20 -24.31
N GLU A 228 -21.05 -14.56 -24.80
CA GLU A 228 -19.67 -14.88 -24.44
C GLU A 228 -19.10 -13.74 -23.61
N PHE A 229 -18.22 -14.09 -22.68
CA PHE A 229 -17.61 -13.09 -21.81
C PHE A 229 -16.35 -13.69 -21.19
N ASN A 230 -15.76 -12.96 -20.26
CA ASN A 230 -14.49 -13.31 -19.61
C ASN A 230 -14.83 -13.84 -18.21
N ILE A 231 -14.96 -15.17 -18.10
CA ILE A 231 -15.49 -15.83 -16.91
C ILE A 231 -14.63 -15.53 -15.68
N ASN A 232 -13.54 -14.82 -15.87
CA ASN A 232 -12.70 -14.37 -14.77
C ASN A 232 -12.76 -12.87 -14.56
N SER A 233 -13.45 -12.12 -15.43
CA SER A 233 -13.68 -10.69 -15.23
C SER A 233 -14.79 -10.49 -14.20
N PRO A 234 -14.44 -10.03 -12.99
CA PRO A 234 -15.50 -9.77 -12.00
C PRO A 234 -16.55 -8.81 -12.49
N LYS A 235 -16.14 -7.70 -13.10
CA LYS A 235 -17.13 -6.77 -13.64
C LYS A 235 -18.01 -7.46 -14.69
N GLN A 236 -17.44 -8.36 -15.49
CA GLN A 236 -18.22 -9.06 -16.51
C GLN A 236 -19.01 -10.22 -15.91
N LEU A 237 -18.39 -10.97 -14.99
CA LEU A 237 -19.11 -12.05 -14.34
C LEU A 237 -20.25 -11.50 -13.49
N GLY A 238 -19.99 -10.43 -12.73
CA GLY A 238 -21.05 -9.78 -12.01
C GLY A 238 -22.17 -9.28 -12.90
N VAL A 239 -21.82 -8.78 -14.09
CA VAL A 239 -22.84 -8.25 -14.99
C VAL A 239 -23.71 -9.39 -15.52
N ILE A 240 -23.12 -10.55 -15.78
CA ILE A 240 -23.92 -11.67 -16.27
C ILE A 240 -24.89 -12.15 -15.19
N LEU A 241 -24.37 -12.40 -13.98
CA LEU A 241 -25.20 -13.00 -12.92
C LEU A 241 -26.22 -12.02 -12.37
N PHE A 242 -25.77 -10.80 -12.04
CA PHE A 242 -26.52 -9.87 -11.21
C PHE A 242 -27.09 -8.70 -11.98
N GLU A 243 -27.11 -8.77 -13.32
CA GLU A 243 -27.78 -7.77 -14.14
C GLU A 243 -28.47 -8.44 -15.32
N LYS A 244 -27.69 -9.13 -16.15
CA LYS A 244 -28.26 -9.89 -17.26
C LYS A 244 -29.25 -10.94 -16.76
N LEU A 245 -28.77 -11.93 -16.00
CA LEU A 245 -29.64 -12.98 -15.48
C LEU A 245 -30.46 -12.55 -14.27
N GLN A 246 -30.13 -11.41 -13.65
CA GLN A 246 -30.94 -10.84 -12.55
C GLN A 246 -31.00 -11.77 -11.34
N LEU A 247 -29.85 -12.34 -10.96
CA LEU A 247 -29.79 -13.14 -9.74
C LEU A 247 -29.70 -12.22 -8.52
N PRO A 248 -30.19 -12.67 -7.37
CA PRO A 248 -30.13 -11.81 -6.18
C PRO A 248 -28.70 -11.52 -5.79
N VAL A 249 -28.49 -10.36 -5.18
CA VAL A 249 -27.19 -9.96 -4.65
C VAL A 249 -27.17 -10.31 -3.17
N LEU A 250 -26.43 -11.37 -2.82
CA LEU A 250 -26.33 -11.83 -1.45
C LEU A 250 -25.19 -11.19 -0.67
N LYS A 251 -24.22 -10.58 -1.37
CA LYS A 251 -23.01 -10.10 -0.71
C LYS A 251 -22.28 -9.13 -1.63
N LYS A 252 -21.66 -8.13 -1.02
CA LYS A 252 -20.83 -7.17 -1.72
C LYS A 252 -19.40 -7.25 -1.21
N THR A 253 -18.48 -6.85 -2.07
CA THR A 253 -17.08 -6.66 -1.71
C THR A 253 -16.78 -5.15 -1.72
N LYS A 254 -15.56 -4.81 -1.33
CA LYS A 254 -15.14 -3.41 -1.40
C LYS A 254 -15.25 -2.86 -2.81
N THR A 255 -15.20 -3.74 -3.82
CA THR A 255 -15.13 -3.31 -5.21
C THR A 255 -16.42 -3.55 -5.99
N GLY A 256 -17.31 -4.43 -5.53
CA GLY A 256 -18.55 -4.67 -6.24
C GLY A 256 -19.31 -5.88 -5.77
N TYR A 257 -19.87 -6.64 -6.72
CA TYR A 257 -20.57 -7.88 -6.41
C TYR A 257 -19.60 -8.95 -5.93
N SER A 258 -20.00 -9.70 -4.92
CA SER A 258 -19.25 -10.88 -4.55
C SER A 258 -19.66 -12.05 -5.44
N THR A 259 -18.68 -12.88 -5.82
CA THR A 259 -18.94 -14.11 -6.54
C THR A 259 -18.24 -15.31 -5.93
N SER A 260 -17.87 -15.24 -4.64
CA SER A 260 -17.19 -16.35 -3.99
C SER A 260 -18.03 -17.64 -4.05
N ALA A 261 -17.37 -18.77 -3.80
CA ALA A 261 -18.04 -20.06 -3.95
C ALA A 261 -19.27 -20.16 -3.04
N ASP A 262 -19.18 -19.72 -1.79
CA ASP A 262 -20.33 -19.76 -0.89
C ASP A 262 -21.52 -19.05 -1.50
N VAL A 263 -21.31 -17.85 -2.07
CA VAL A 263 -22.40 -17.14 -2.73
C VAL A 263 -22.93 -17.94 -3.91
N LEU A 264 -22.02 -18.45 -4.74
CA LEU A 264 -22.47 -19.14 -5.94
C LEU A 264 -23.32 -20.36 -5.60
N GLU A 265 -23.01 -21.06 -4.52
CA GLU A 265 -23.79 -22.25 -4.20
C GLU A 265 -25.14 -21.89 -3.57
N LYS A 266 -25.29 -20.71 -2.97
CA LYS A 266 -26.64 -20.28 -2.61
C LYS A 266 -27.47 -19.88 -3.82
N LEU A 267 -26.85 -19.55 -4.95
CA LEU A 267 -27.57 -19.16 -6.15
C LEU A 267 -27.92 -20.34 -7.06
N ALA A 268 -27.35 -21.52 -6.80
CA ALA A 268 -27.60 -22.76 -7.53
C ALA A 268 -29.08 -23.09 -7.74
N PRO A 269 -29.99 -22.80 -6.81
CA PRO A 269 -31.43 -22.99 -7.11
C PRO A 269 -31.95 -22.05 -8.18
N TYR A 270 -31.27 -20.94 -8.43
CA TYR A 270 -31.82 -19.96 -9.36
C TYR A 270 -31.43 -20.25 -10.80
N HIS A 271 -30.20 -20.73 -11.04
CA HIS A 271 -29.72 -20.85 -12.41
C HIS A 271 -28.65 -21.91 -12.54
N GLU A 272 -28.73 -22.64 -13.66
CA GLU A 272 -27.76 -23.68 -14.00
C GLU A 272 -26.33 -23.15 -14.10
N ILE A 273 -26.16 -21.88 -14.47
CA ILE A 273 -24.84 -21.39 -14.85
C ILE A 273 -23.89 -21.37 -13.65
N VAL A 274 -24.41 -21.12 -12.44
CA VAL A 274 -23.52 -20.91 -11.30
C VAL A 274 -22.76 -22.19 -10.97
N GLU A 275 -23.38 -23.36 -11.17
CA GLU A 275 -22.64 -24.58 -10.92
C GLU A 275 -21.56 -24.79 -11.98
N ASN A 276 -21.82 -24.37 -13.22
CA ASN A 276 -20.80 -24.47 -14.26
C ASN A 276 -19.65 -23.51 -14.00
N ILE A 277 -19.93 -22.31 -13.50
CA ILE A 277 -18.86 -21.38 -13.11
C ILE A 277 -17.96 -22.00 -12.04
N LEU A 278 -18.56 -22.65 -11.03
CA LEU A 278 -17.79 -23.33 -10.00
C LEU A 278 -16.90 -24.43 -10.58
N HIS A 279 -17.46 -25.29 -11.44
CA HIS A 279 -16.68 -26.33 -12.08
C HIS A 279 -15.56 -25.72 -12.92
N TYR A 280 -15.87 -24.65 -13.64
CA TYR A 280 -14.87 -23.99 -14.48
C TYR A 280 -13.72 -23.46 -13.63
N ARG A 281 -14.03 -22.75 -12.55
CA ARG A 281 -12.98 -22.22 -11.69
C ARG A 281 -12.11 -23.35 -11.13
N GLN A 282 -12.76 -24.39 -10.59
CA GLN A 282 -12.02 -25.50 -10.00
C GLN A 282 -11.06 -26.14 -11.01
N LEU A 283 -11.54 -26.45 -12.22
CA LEU A 283 -10.66 -26.98 -13.25
C LEU A 283 -9.56 -25.98 -13.58
N GLY A 284 -9.89 -24.69 -13.62
CA GLY A 284 -8.88 -23.66 -13.90
C GLY A 284 -7.82 -23.55 -12.83
N LYS A 285 -8.20 -23.77 -11.57
CA LYS A 285 -7.24 -23.77 -10.47
C LYS A 285 -6.27 -24.95 -10.59
N LEU A 286 -6.81 -26.14 -10.86
CA LEU A 286 -5.93 -27.28 -11.09
C LEU A 286 -4.95 -27.00 -12.22
N GLN A 287 -5.41 -26.33 -13.27
CA GLN A 287 -4.56 -26.13 -14.44
C GLN A 287 -3.43 -25.15 -14.15
N SER A 288 -3.76 -24.00 -13.55
CA SER A 288 -2.72 -22.99 -13.43
C SER A 288 -1.84 -23.20 -12.20
N THR A 289 -2.41 -23.60 -11.06
CA THR A 289 -1.59 -23.73 -9.86
C THR A 289 -0.92 -25.10 -9.75
N TYR A 290 -1.60 -26.17 -10.13
CA TYR A 290 -1.12 -27.51 -9.83
C TYR A 290 -0.63 -28.29 -11.04
N ILE A 291 -0.93 -27.85 -12.26
CA ILE A 291 -0.29 -28.47 -13.40
C ILE A 291 0.82 -27.56 -13.89
N GLU A 292 0.43 -26.45 -14.51
CA GLU A 292 1.40 -25.49 -15.05
C GLU A 292 2.34 -25.03 -13.96
N GLY A 293 1.78 -24.58 -12.82
CA GLY A 293 2.58 -24.03 -11.74
C GLY A 293 3.61 -25.00 -11.17
N LEU A 294 3.25 -26.29 -11.10
CA LEU A 294 4.19 -27.30 -10.60
C LEU A 294 5.26 -27.62 -11.64
N LEU A 295 4.85 -27.77 -12.91
CA LEU A 295 5.85 -28.03 -13.95
C LEU A 295 6.85 -26.90 -14.06
N LYS A 296 6.45 -25.67 -13.73
CA LYS A 296 7.37 -24.55 -13.78
C LYS A 296 8.51 -24.67 -12.76
N VAL A 297 8.30 -25.37 -11.64
CA VAL A 297 9.33 -25.44 -10.61
C VAL A 297 9.96 -26.80 -10.50
N VAL A 298 9.63 -27.73 -11.38
CA VAL A 298 10.31 -29.01 -11.39
C VAL A 298 11.73 -28.79 -11.92
N ARG A 299 12.72 -29.24 -11.16
CA ARG A 299 14.09 -29.27 -11.66
C ARG A 299 14.21 -30.36 -12.72
N PRO A 300 14.48 -30.01 -13.99
CA PRO A 300 14.23 -30.96 -15.08
C PRO A 300 15.11 -32.19 -15.05
N ALA A 301 16.36 -32.07 -14.58
CA ALA A 301 17.26 -33.22 -14.66
C ALA A 301 16.88 -34.32 -13.68
N THR A 302 16.34 -33.96 -12.51
CA THR A 302 15.97 -34.92 -11.47
C THR A 302 14.47 -35.13 -11.36
N LYS A 303 13.65 -34.26 -11.97
CA LYS A 303 12.21 -34.26 -11.75
C LYS A 303 11.83 -34.05 -10.27
N LYS A 304 12.66 -33.38 -9.50
CA LYS A 304 12.33 -33.05 -8.12
C LYS A 304 11.85 -31.61 -8.01
N VAL A 305 10.86 -31.38 -7.14
CA VAL A 305 10.50 -30.03 -6.68
C VAL A 305 11.07 -29.85 -5.29
N HIS A 306 11.58 -28.65 -5.00
CA HIS A 306 12.28 -28.35 -3.75
C HIS A 306 11.57 -27.16 -3.12
N THR A 307 10.65 -27.44 -2.21
CA THR A 307 9.95 -26.35 -1.54
C THR A 307 10.89 -25.65 -0.55
N ILE A 308 10.44 -24.51 -0.05
CA ILE A 308 11.12 -23.82 1.03
C ILE A 308 10.10 -23.73 2.17
N PHE A 309 10.44 -24.30 3.31
CA PHE A 309 9.60 -24.20 4.49
C PHE A 309 10.03 -22.94 5.25
N ASN A 310 9.14 -21.95 5.30
CA ASN A 310 9.39 -20.75 6.08
C ASN A 310 9.07 -21.04 7.53
N GLN A 311 10.09 -20.94 8.39
CA GLN A 311 9.96 -21.30 9.78
C GLN A 311 9.84 -20.08 10.68
N ALA A 312 9.99 -18.87 10.14
CA ALA A 312 9.86 -17.66 10.93
C ALA A 312 8.89 -16.69 10.26
N LEU A 313 7.72 -17.19 9.91
CA LEU A 313 6.72 -16.39 9.20
C LEU A 313 5.38 -16.37 9.93
N THR A 314 4.80 -17.53 10.27
CA THR A 314 3.42 -17.50 10.77
C THR A 314 3.39 -16.98 12.21
N GLN A 315 2.30 -16.29 12.54
CA GLN A 315 2.14 -15.71 13.86
C GLN A 315 1.86 -16.75 14.94
N THR A 316 1.57 -17.99 14.55
CA THR A 316 1.23 -19.04 15.51
C THR A 316 2.32 -20.09 15.65
N GLY A 317 3.41 -20.02 14.91
CA GLY A 317 4.42 -21.05 15.03
C GLY A 317 4.29 -22.21 14.05
N ARG A 318 3.22 -22.26 13.26
CA ARG A 318 3.18 -23.12 12.09
C ARG A 318 4.30 -22.77 11.12
N LEU A 319 4.69 -23.77 10.35
CA LEU A 319 5.43 -23.54 9.12
C LEU A 319 4.49 -23.06 8.03
N SER A 320 5.07 -22.51 6.97
CA SER A 320 4.41 -22.38 5.70
C SER A 320 5.40 -22.84 4.64
N SER A 321 4.90 -23.00 3.42
CA SER A 321 5.62 -23.68 2.34
C SER A 321 5.44 -22.88 1.06
N THR A 322 6.52 -22.61 0.34
CA THR A 322 6.46 -21.70 -0.80
C THR A 322 7.25 -22.25 -1.96
N GLU A 323 6.72 -22.00 -3.18
CA GLU A 323 7.38 -22.18 -4.46
C GLU A 323 8.10 -23.52 -4.63
N PRO A 324 7.36 -24.63 -4.73
CA PRO A 324 5.89 -24.70 -4.67
C PRO A 324 5.37 -24.77 -3.25
N ASN A 325 4.12 -24.40 -3.04
CA ASN A 325 3.46 -24.68 -1.78
C ASN A 325 3.01 -26.14 -1.81
N LEU A 326 3.68 -26.99 -1.05
CA LEU A 326 3.35 -28.40 -1.02
C LEU A 326 2.45 -28.74 0.16
N GLN A 327 1.94 -27.73 0.85
CA GLN A 327 1.01 -27.92 1.95
C GLN A 327 -0.43 -27.68 1.53
N ASN A 328 -0.70 -27.40 0.26
CA ASN A 328 -2.10 -27.25 -0.16
C ASN A 328 -2.36 -27.97 -1.48
N ILE A 329 -1.74 -29.13 -1.68
CA ILE A 329 -2.07 -29.97 -2.83
C ILE A 329 -3.49 -30.51 -2.69
N PRO A 330 -4.30 -30.51 -3.76
CA PRO A 330 -5.72 -30.87 -3.61
C PRO A 330 -5.93 -32.26 -3.04
N ILE A 331 -7.07 -32.44 -2.37
CA ILE A 331 -7.40 -33.74 -1.80
C ILE A 331 -8.91 -33.92 -1.66
N ARG A 332 -9.67 -32.83 -1.53
CA ARG A 332 -11.04 -33.05 -1.08
C ARG A 332 -11.95 -33.52 -2.21
N LEU A 333 -11.80 -32.99 -3.42
CA LEU A 333 -12.54 -33.46 -4.59
C LEU A 333 -11.70 -34.46 -5.36
N GLU A 334 -12.34 -35.51 -5.87
CA GLU A 334 -11.58 -36.61 -6.47
C GLU A 334 -10.75 -36.15 -7.66
N GLU A 335 -11.29 -35.26 -8.49
CA GLU A 335 -10.52 -34.78 -9.63
C GLU A 335 -9.28 -34.03 -9.20
N GLY A 336 -9.38 -33.24 -8.13
CA GLY A 336 -8.21 -32.56 -7.61
C GLY A 336 -7.22 -33.51 -6.97
N ARG A 337 -7.72 -34.46 -6.17
CA ARG A 337 -6.84 -35.39 -5.47
C ARG A 337 -5.96 -36.19 -6.42
N LYS A 338 -6.35 -36.32 -7.69
CA LYS A 338 -5.57 -37.08 -8.66
C LYS A 338 -4.18 -36.50 -8.87
N ILE A 339 -4.02 -35.19 -8.73
CA ILE A 339 -2.72 -34.53 -8.73
C ILE A 339 -1.69 -35.29 -7.89
N ARG A 340 -2.10 -35.82 -6.74
CA ARG A 340 -1.14 -36.48 -5.85
C ARG A 340 -0.59 -37.78 -6.41
N GLN A 341 -1.14 -38.27 -7.53
CA GLN A 341 -0.56 -39.43 -8.22
C GLN A 341 0.73 -39.07 -8.91
N ALA A 342 0.96 -37.78 -9.20
CA ALA A 342 2.22 -37.39 -9.80
C ALA A 342 3.35 -37.26 -8.78
N PHE A 343 3.05 -37.37 -7.49
CA PHE A 343 4.10 -37.31 -6.48
C PHE A 343 4.51 -38.72 -6.11
N VAL A 344 5.77 -39.05 -6.41
CA VAL A 344 6.25 -40.42 -6.40
C VAL A 344 7.52 -40.49 -5.58
N PRO A 345 7.93 -41.70 -5.18
CA PRO A 345 9.20 -41.85 -4.46
C PRO A 345 10.37 -41.55 -5.37
N SER A 346 11.48 -41.15 -4.76
CA SER A 346 12.62 -40.73 -5.56
C SER A 346 13.53 -41.89 -5.99
N GLU A 347 13.33 -43.09 -5.45
CA GLU A 347 14.08 -44.26 -5.86
C GLU A 347 13.12 -45.36 -6.24
N SER A 348 13.62 -46.31 -7.03
CA SER A 348 12.86 -47.50 -7.34
C SER A 348 12.73 -48.38 -6.10
N ASP A 349 11.57 -49.00 -5.94
CA ASP A 349 11.27 -49.90 -4.83
C ASP A 349 11.20 -49.17 -3.50
N TRP A 350 11.00 -47.86 -3.54
CA TRP A 350 10.67 -47.07 -2.37
C TRP A 350 9.17 -46.77 -2.38
N LEU A 351 8.65 -46.38 -1.21
CA LEU A 351 7.23 -46.08 -1.06
C LEU A 351 7.08 -44.76 -0.33
N ILE A 352 5.88 -44.16 -0.46
CA ILE A 352 5.51 -42.98 0.32
C ILE A 352 4.81 -43.44 1.60
N PHE A 353 5.18 -42.84 2.74
CA PHE A 353 4.56 -43.12 4.02
C PHE A 353 4.06 -41.82 4.65
N ALA A 354 2.75 -41.73 4.90
CA ALA A 354 2.12 -40.56 5.53
C ALA A 354 1.53 -40.91 6.88
N ALA A 355 1.87 -40.13 7.92
CA ALA A 355 1.26 -40.29 9.25
C ALA A 355 0.69 -38.96 9.73
N ASP A 356 -0.55 -38.92 10.18
CA ASP A 356 -1.15 -37.66 10.66
C ASP A 356 -1.91 -37.78 11.99
N TYR A 357 -1.77 -36.75 12.79
CA TYR A 357 -2.48 -36.66 14.06
C TYR A 357 -3.98 -36.52 13.81
N SER A 358 -4.76 -37.16 14.65
CA SER A 358 -6.21 -37.16 14.56
C SER A 358 -6.78 -36.13 15.55
N GLN A 359 -7.58 -35.19 15.03
CA GLN A 359 -8.21 -34.13 15.84
C GLN A 359 -7.24 -33.45 16.80
N ILE A 360 -6.09 -33.03 16.29
CA ILE A 360 -5.00 -32.60 17.17
C ILE A 360 -5.43 -31.40 18.02
N GLU A 361 -6.05 -30.38 17.40
CA GLU A 361 -6.29 -29.14 18.14
C GLU A 361 -7.36 -29.31 19.23
N LEU A 362 -8.40 -30.10 18.96
CA LEU A 362 -9.38 -30.42 19.99
C LEU A 362 -8.76 -31.19 21.14
N ARG A 363 -7.76 -32.03 20.88
CA ARG A 363 -7.09 -32.73 21.96
C ARG A 363 -6.23 -31.76 22.76
N VAL A 364 -5.49 -30.87 22.08
CA VAL A 364 -4.76 -29.80 22.76
C VAL A 364 -5.73 -28.97 23.59
N LEU A 365 -6.87 -28.62 22.99
CA LEU A 365 -7.86 -27.81 23.69
C LEU A 365 -8.38 -28.52 24.93
N ALA A 366 -8.70 -29.82 24.82
CA ALA A 366 -9.18 -30.53 26.00
C ALA A 366 -8.13 -30.52 27.10
N HIS A 367 -6.87 -30.71 26.74
CA HIS A 367 -5.80 -30.65 27.72
C HIS A 367 -5.70 -29.27 28.36
N ILE A 368 -5.63 -28.22 27.54
CA ILE A 368 -5.38 -26.90 28.07
C ILE A 368 -6.59 -26.40 28.86
N ALA A 369 -7.80 -26.62 28.35
CA ALA A 369 -8.99 -26.17 29.04
C ALA A 369 -9.36 -27.06 30.23
N GLU A 370 -8.82 -28.28 30.29
CA GLU A 370 -9.21 -29.26 31.31
C GLU A 370 -10.73 -29.39 31.38
N ASP A 371 -11.36 -29.50 30.21
CA ASP A 371 -12.79 -29.71 30.14
C ASP A 371 -13.09 -31.20 30.36
N ASP A 372 -13.86 -31.52 31.41
CA ASP A 372 -14.09 -32.92 31.78
C ASP A 372 -14.72 -33.70 30.63
N ASN A 373 -15.80 -33.16 30.04
CA ASN A 373 -16.45 -33.87 28.95
C ASN A 373 -15.56 -34.01 27.73
N LEU A 374 -14.80 -32.96 27.40
CA LEU A 374 -13.94 -33.09 26.22
C LEU A 374 -12.79 -34.06 26.50
N MET A 375 -12.28 -34.07 27.73
CA MET A 375 -11.22 -35.01 28.03
C MET A 375 -11.75 -36.44 27.99
N GLU A 376 -12.94 -36.67 28.54
CA GLU A 376 -13.51 -38.02 28.53
C GLU A 376 -13.73 -38.49 27.10
N ALA A 377 -14.23 -37.61 26.22
CA ALA A 377 -14.46 -37.96 24.81
C ALA A 377 -13.20 -38.50 24.13
N PHE A 378 -12.03 -37.88 24.38
CA PHE A 378 -10.81 -38.38 23.74
C PHE A 378 -10.19 -39.54 24.49
N ARG A 379 -10.42 -39.63 25.80
CA ARG A 379 -10.07 -40.85 26.50
C ARG A 379 -10.78 -42.06 25.89
N ARG A 380 -12.00 -41.86 25.33
CA ARG A 380 -12.77 -42.89 24.65
C ARG A 380 -12.47 -43.00 23.16
N ASP A 381 -11.49 -42.24 22.65
CA ASP A 381 -11.21 -42.18 21.21
C ASP A 381 -12.48 -41.93 20.38
N LEU A 382 -13.37 -41.08 20.88
CA LEU A 382 -14.51 -40.64 20.06
C LEU A 382 -14.01 -39.76 18.93
N ASP A 383 -14.69 -39.84 17.79
CA ASP A 383 -14.43 -38.93 16.68
C ASP A 383 -15.43 -37.80 16.81
N ILE A 384 -14.95 -36.65 17.32
CA ILE A 384 -15.82 -35.52 17.61
C ILE A 384 -16.37 -34.92 16.32
N HIS A 385 -15.62 -34.96 15.22
CA HIS A 385 -16.12 -34.38 13.98
C HIS A 385 -17.28 -35.20 13.43
N THR A 386 -17.18 -36.53 13.50
CA THR A 386 -18.26 -37.38 13.05
C THR A 386 -19.49 -37.24 13.96
N LYS A 387 -19.28 -37.22 15.28
CA LYS A 387 -20.42 -37.09 16.19
C LYS A 387 -21.13 -35.78 15.98
N THR A 388 -20.37 -34.71 15.73
CA THR A 388 -21.01 -33.41 15.49
C THR A 388 -21.79 -33.41 14.18
N ALA A 389 -21.28 -34.11 13.14
CA ALA A 389 -22.01 -34.23 11.88
C ALA A 389 -23.31 -35.01 12.07
N MET A 390 -23.24 -36.14 12.79
CA MET A 390 -24.46 -36.88 13.16
C MET A 390 -25.49 -35.95 13.77
N ASP A 391 -25.05 -35.09 14.70
CA ASP A 391 -25.94 -34.12 15.34
C ASP A 391 -26.45 -33.08 14.36
N ILE A 392 -25.57 -32.55 13.49
CA ILE A 392 -25.94 -31.41 12.65
C ILE A 392 -26.92 -31.83 11.58
N PHE A 393 -26.69 -32.99 10.96
CA PHE A 393 -27.47 -33.45 9.82
C PHE A 393 -28.52 -34.49 10.21
N GLN A 394 -28.64 -34.79 11.50
CA GLN A 394 -29.59 -35.79 11.99
C GLN A 394 -29.49 -37.07 11.17
N VAL A 395 -28.30 -37.67 11.22
CA VAL A 395 -28.00 -38.92 10.52
C VAL A 395 -27.35 -39.86 11.53
N SER A 396 -27.18 -41.10 11.12
CA SER A 396 -26.41 -42.05 11.90
C SER A 396 -24.96 -42.06 11.42
N GLU A 397 -24.08 -42.58 12.28
CA GLU A 397 -22.66 -42.58 11.96
C GLU A 397 -22.39 -43.28 10.64
N ASP A 398 -23.12 -44.37 10.39
CA ASP A 398 -23.01 -45.09 9.13
C ASP A 398 -23.18 -44.16 7.94
N GLU A 399 -24.00 -43.11 8.10
CA GLU A 399 -24.40 -42.24 7.01
C GLU A 399 -23.65 -40.91 6.97
N VAL A 400 -22.53 -40.77 7.67
CA VAL A 400 -21.75 -39.52 7.65
C VAL A 400 -20.81 -39.54 6.46
N THR A 401 -21.06 -38.65 5.48
CA THR A 401 -20.23 -38.51 4.31
C THR A 401 -18.98 -37.70 4.65
N PRO A 402 -17.87 -37.95 3.96
CA PRO A 402 -16.64 -37.19 4.24
C PRO A 402 -16.87 -35.68 4.16
N ASN A 403 -17.87 -35.28 3.41
CA ASN A 403 -18.13 -33.85 3.24
C ASN A 403 -18.98 -33.29 4.37
N MET A 404 -19.97 -34.04 4.85
CA MET A 404 -20.66 -33.62 6.07
C MET A 404 -19.69 -33.54 7.25
N ARG A 405 -18.70 -34.43 7.27
CA ARG A 405 -17.72 -34.41 8.35
C ARG A 405 -16.78 -33.22 8.21
N ARG A 406 -16.29 -32.96 6.99
CA ARG A 406 -15.46 -31.78 6.78
C ARG A 406 -16.23 -30.51 7.15
N GLN A 407 -17.53 -30.49 6.86
CA GLN A 407 -18.37 -29.37 7.27
C GLN A 407 -18.49 -29.30 8.79
N ALA A 408 -18.77 -30.43 9.44
CA ALA A 408 -18.88 -30.42 10.89
C ALA A 408 -17.58 -30.00 11.54
N LYS A 409 -16.44 -30.36 10.92
CA LYS A 409 -15.15 -29.96 11.45
C LYS A 409 -15.01 -28.43 11.50
N ALA A 410 -15.54 -27.75 10.49
CA ALA A 410 -15.56 -26.28 10.51
C ALA A 410 -16.47 -25.73 11.61
N VAL A 411 -17.56 -26.43 11.95
CA VAL A 411 -18.41 -25.96 13.04
C VAL A 411 -17.69 -26.10 14.37
N ASN A 412 -16.97 -27.21 14.55
CA ASN A 412 -16.31 -27.48 15.83
C ASN A 412 -15.26 -26.42 16.13
N PHE A 413 -14.42 -26.11 15.14
CA PHE A 413 -13.40 -25.09 15.37
C PHE A 413 -14.00 -23.69 15.39
N GLY A 414 -15.00 -23.44 14.53
CA GLY A 414 -15.69 -22.17 14.55
C GLY A 414 -16.21 -21.80 15.92
N ILE A 415 -16.85 -22.76 16.60
CA ILE A 415 -17.46 -22.46 17.89
C ILE A 415 -16.39 -22.18 18.94
N VAL A 416 -15.34 -22.99 18.99
CA VAL A 416 -14.34 -22.75 20.03
C VAL A 416 -13.52 -21.49 19.73
N TYR A 417 -13.39 -21.12 18.45
CA TYR A 417 -12.60 -19.95 18.08
C TYR A 417 -13.49 -18.73 17.78
N GLY A 418 -14.73 -18.72 18.23
CA GLY A 418 -15.48 -17.48 18.35
C GLY A 418 -16.48 -17.16 17.26
N ILE A 419 -16.88 -18.12 16.42
CA ILE A 419 -17.90 -17.86 15.41
C ILE A 419 -19.19 -17.35 16.09
N SER A 420 -19.90 -16.47 15.39
CA SER A 420 -21.14 -15.90 15.89
C SER A 420 -22.33 -16.72 15.36
N ASP A 421 -23.50 -16.53 15.99
CA ASP A 421 -24.69 -17.18 15.46
C ASP A 421 -24.90 -16.82 13.99
N TYR A 422 -24.63 -15.57 13.63
CA TYR A 422 -24.75 -15.16 12.24
C TYR A 422 -23.85 -15.99 11.34
N GLY A 423 -22.56 -16.11 11.69
CA GLY A 423 -21.64 -16.83 10.84
C GLY A 423 -21.95 -18.32 10.76
N LEU A 424 -22.35 -18.90 11.89
CA LEU A 424 -22.73 -20.31 11.88
C LEU A 424 -23.97 -20.53 11.01
N ALA A 425 -24.90 -19.58 11.03
CA ALA A 425 -26.13 -19.73 10.24
C ALA A 425 -25.82 -19.71 8.75
N GLN A 426 -24.89 -18.85 8.33
CA GLN A 426 -24.52 -18.80 6.91
C GLN A 426 -23.79 -20.05 6.47
N ASN A 427 -23.01 -20.68 7.36
CA ASN A 427 -22.24 -21.86 6.98
C ASN A 427 -23.13 -23.09 6.88
N LEU A 428 -24.10 -23.20 7.76
CA LEU A 428 -24.99 -24.35 7.78
C LEU A 428 -26.28 -24.13 7.00
N ASN A 429 -26.50 -22.92 6.47
CA ASN A 429 -27.74 -22.56 5.81
C ASN A 429 -28.93 -22.87 6.70
N ILE A 430 -28.83 -22.46 7.95
CA ILE A 430 -29.88 -22.68 8.94
C ILE A 430 -30.33 -21.32 9.46
N SER A 431 -31.40 -21.34 10.24
CA SER A 431 -31.88 -20.14 10.92
C SER A 431 -30.82 -19.59 11.85
N ARG A 432 -30.82 -18.26 12.01
CA ARG A 432 -29.91 -17.61 12.96
C ARG A 432 -30.30 -17.89 14.40
N LYS A 433 -31.61 -18.09 14.65
CA LYS A 433 -32.06 -18.47 15.98
C LYS A 433 -31.60 -19.89 16.33
N GLU A 434 -31.73 -20.81 15.37
CA GLU A 434 -31.20 -22.15 15.56
C GLU A 434 -29.71 -22.11 15.84
N ALA A 435 -28.97 -21.31 15.06
CA ALA A 435 -27.52 -21.27 15.22
C ALA A 435 -27.14 -20.85 16.63
N ALA A 436 -27.79 -19.83 17.17
CA ALA A 436 -27.49 -19.42 18.53
C ALA A 436 -27.82 -20.52 19.53
N GLU A 437 -28.93 -21.24 19.32
CA GLU A 437 -29.33 -22.27 20.26
C GLU A 437 -28.36 -23.42 20.26
N PHE A 438 -27.90 -23.83 19.07
CA PHE A 438 -26.91 -24.88 18.95
C PHE A 438 -25.60 -24.48 19.64
N ILE A 439 -25.15 -23.24 19.45
CA ILE A 439 -23.92 -22.80 20.12
C ILE A 439 -24.09 -22.87 21.64
N GLU A 440 -25.24 -22.41 22.14
CA GLU A 440 -25.52 -22.48 23.57
C GLU A 440 -25.49 -23.93 24.08
N ARG A 441 -26.11 -24.85 23.32
CA ARG A 441 -26.06 -26.27 23.64
C ARG A 441 -24.63 -26.80 23.65
N TYR A 442 -23.80 -26.38 22.69
CA TYR A 442 -22.44 -26.87 22.62
C TYR A 442 -21.65 -26.50 23.87
N PHE A 443 -21.85 -25.29 24.39
CA PHE A 443 -21.17 -24.87 25.60
C PHE A 443 -21.77 -25.48 26.85
N GLU A 444 -23.03 -25.96 26.79
CA GLU A 444 -23.58 -26.70 27.91
C GLU A 444 -22.82 -28.00 28.13
N SER A 445 -22.47 -28.68 27.04
CA SER A 445 -21.74 -29.93 27.14
C SER A 445 -20.26 -29.73 27.41
N PHE A 446 -19.72 -28.55 27.08
CA PHE A 446 -18.29 -28.28 27.27
C PHE A 446 -18.09 -26.93 27.98
N PRO A 447 -18.57 -26.81 29.23
CA PRO A 447 -18.43 -25.54 29.94
C PRO A 447 -16.98 -25.18 30.25
N GLY A 448 -16.08 -26.16 30.36
CA GLY A 448 -14.68 -25.85 30.58
C GLY A 448 -14.06 -25.12 29.42
N VAL A 449 -14.50 -25.43 28.20
CA VAL A 449 -14.01 -24.72 27.02
C VAL A 449 -14.50 -23.27 27.04
N LYS A 450 -15.76 -23.05 27.40
CA LYS A 450 -16.26 -21.68 27.53
C LYS A 450 -15.46 -20.90 28.56
N ARG A 451 -15.22 -21.51 29.73
CA ARG A 451 -14.35 -20.91 30.74
C ARG A 451 -12.98 -20.58 30.16
N TYR A 452 -12.34 -21.54 29.49
CA TYR A 452 -11.02 -21.28 28.91
C TYR A 452 -11.06 -20.10 27.96
N MET A 453 -12.07 -20.02 27.09
CA MET A 453 -12.17 -18.89 26.17
CA MET A 453 -12.14 -18.88 26.18
C MET A 453 -12.20 -17.57 26.94
N GLU A 454 -12.98 -17.52 28.02
CA GLU A 454 -13.07 -16.28 28.79
C GLU A 454 -11.77 -15.99 29.53
N ASN A 455 -11.17 -17.01 30.14
CA ASN A 455 -9.98 -16.77 30.92
C ASN A 455 -8.83 -16.34 30.04
N ILE A 456 -8.67 -16.97 28.87
CA ILE A 456 -7.51 -16.67 28.05
C ILE A 456 -7.59 -15.25 27.51
N VAL A 457 -8.80 -14.76 27.22
CA VAL A 457 -8.97 -13.37 26.79
C VAL A 457 -8.60 -12.40 27.91
N GLN A 458 -9.11 -12.67 29.12
CA GLN A 458 -8.72 -11.88 30.29
C GLN A 458 -7.22 -11.95 30.55
N GLU A 459 -6.61 -13.10 30.32
CA GLU A 459 -5.18 -13.19 30.59
C GLU A 459 -4.37 -12.41 29.55
N ALA A 460 -4.86 -12.36 28.31
CA ALA A 460 -4.21 -11.56 27.29
C ALA A 460 -4.32 -10.07 27.59
N LYS A 461 -5.47 -9.63 28.13
CA LYS A 461 -5.59 -8.23 28.55
C LYS A 461 -4.60 -7.91 29.66
N GLN A 462 -4.49 -8.79 30.66
CA GLN A 462 -3.61 -8.46 31.78
C GLN A 462 -2.14 -8.50 31.35
N LYS A 463 -1.73 -9.59 30.70
CA LYS A 463 -0.32 -9.77 30.35
C LYS A 463 0.09 -9.02 29.09
N GLY A 464 -0.83 -8.80 28.14
CA GLY A 464 -0.46 -8.24 26.84
C GLY A 464 -0.12 -9.26 25.77
N TYR A 465 -0.06 -10.55 26.09
CA TYR A 465 0.26 -11.58 25.12
C TYR A 465 -0.36 -12.91 25.56
N VAL A 466 -0.36 -13.89 24.65
CA VAL A 466 -0.70 -15.27 24.98
C VAL A 466 0.51 -16.14 24.67
N THR A 467 0.51 -17.36 25.24
CA THR A 467 1.61 -18.31 25.04
C THR A 467 1.07 -19.68 24.66
N THR A 468 1.95 -20.52 24.10
CA THR A 468 1.65 -21.92 23.78
C THR A 468 2.24 -22.83 24.86
N LEU A 469 2.02 -24.15 24.69
CA LEU A 469 2.51 -25.10 25.69
C LEU A 469 4.03 -25.05 25.81
N LEU A 470 4.74 -24.87 24.71
CA LEU A 470 6.19 -24.79 24.77
C LEU A 470 6.69 -23.34 24.81
N HIS A 471 5.82 -22.41 25.22
CA HIS A 471 6.16 -21.02 25.50
C HIS A 471 6.43 -20.17 24.28
N ARG A 472 5.98 -20.58 23.09
CA ARG A 472 5.85 -19.62 22.02
C ARG A 472 4.93 -18.48 22.45
N ARG A 473 5.15 -17.29 21.90
CA ARG A 473 4.49 -16.08 22.38
C ARG A 473 3.92 -15.28 21.22
N ARG A 474 2.78 -14.61 21.46
CA ARG A 474 2.18 -13.73 20.46
C ARG A 474 1.62 -12.50 21.16
N TYR A 475 2.11 -11.32 20.80
CA TYR A 475 1.61 -10.10 21.43
C TYR A 475 0.29 -9.68 20.80
N LEU A 476 -0.62 -9.13 21.61
CA LEU A 476 -1.96 -8.75 21.15
C LEU A 476 -2.33 -7.36 21.67
N PRO A 477 -1.64 -6.32 21.22
CA PRO A 477 -1.99 -4.95 21.65
C PRO A 477 -3.45 -4.57 21.38
N ASP A 478 -4.04 -5.05 20.29
CA ASP A 478 -5.41 -4.70 19.96
C ASP A 478 -6.44 -5.25 20.93
N ILE A 479 -6.06 -6.11 21.88
CA ILE A 479 -7.05 -6.73 22.76
C ILE A 479 -7.67 -5.69 23.70
N THR A 480 -7.01 -4.55 23.91
CA THR A 480 -7.58 -3.46 24.70
C THR A 480 -8.03 -2.30 23.84
N SER A 481 -8.03 -2.45 22.53
CA SER A 481 -8.47 -1.37 21.65
C SER A 481 -9.86 -0.90 22.02
N ARG A 482 -10.10 0.39 21.86
CA ARG A 482 -11.42 0.93 22.13
C ARG A 482 -12.39 0.70 20.99
N ASN A 483 -11.89 0.32 19.80
CA ASN A 483 -12.76 -0.06 18.69
C ASN A 483 -13.21 -1.52 18.84
N PHE A 484 -14.53 -1.72 18.70
CA PHE A 484 -15.12 -3.03 18.98
C PHE A 484 -14.63 -4.09 18.00
N ASN A 485 -14.57 -3.75 16.71
CA ASN A 485 -14.20 -4.72 15.69
C ASN A 485 -12.72 -5.09 15.79
N VAL A 486 -11.88 -4.12 16.11
CA VAL A 486 -10.46 -4.39 16.28
C VAL A 486 -10.22 -5.24 17.52
N ARG A 487 -10.91 -4.92 18.61
CA ARG A 487 -10.78 -5.69 19.84
C ARG A 487 -11.24 -7.13 19.64
N SER A 488 -12.29 -7.34 18.83
CA SER A 488 -12.89 -8.65 18.64
C SER A 488 -11.95 -9.58 17.88
N PHE A 489 -11.38 -9.10 16.75
CA PHE A 489 -10.38 -9.90 16.05
C PHE A 489 -9.27 -10.32 17.00
N ALA A 490 -8.89 -9.43 17.93
CA ALA A 490 -7.80 -9.73 18.85
C ALA A 490 -8.20 -10.79 19.86
N GLU A 491 -9.44 -10.74 20.33
CA GLU A 491 -9.90 -11.73 21.31
C GLU A 491 -9.98 -13.11 20.70
N ARG A 492 -10.27 -13.19 19.40
CA ARG A 492 -10.33 -14.48 18.73
C ARG A 492 -8.92 -15.00 18.44
N MET A 493 -7.94 -14.12 18.30
CA MET A 493 -6.54 -14.57 18.28
C MET A 493 -6.13 -15.12 19.63
N ALA A 494 -6.57 -14.50 20.72
CA ALA A 494 -6.25 -15.03 22.03
C ALA A 494 -6.86 -16.42 22.22
N MET A 495 -8.07 -16.64 21.72
CA MET A 495 -8.68 -17.95 21.85
C MET A 495 -7.93 -18.99 21.03
N ASN A 496 -7.47 -18.61 19.83
CA ASN A 496 -7.00 -19.57 18.84
C ASN A 496 -5.50 -19.82 18.88
N THR A 497 -4.68 -18.78 19.11
CA THR A 497 -3.22 -18.92 18.99
C THR A 497 -2.61 -19.90 19.99
N PRO A 498 -3.02 -19.96 21.27
CA PRO A 498 -2.45 -20.98 22.16
C PRO A 498 -2.76 -22.39 21.72
N ILE A 499 -3.89 -22.61 21.02
CA ILE A 499 -4.27 -23.96 20.62
C ILE A 499 -3.51 -24.38 19.36
N GLN A 500 -3.67 -23.60 18.28
CA GLN A 500 -3.00 -23.90 17.02
C GLN A 500 -1.49 -23.85 17.17
N GLY A 501 -0.97 -22.95 18.01
CA GLY A 501 0.47 -22.87 18.22
C GLY A 501 1.03 -24.04 19.03
N SER A 502 0.30 -24.49 20.05
CA SER A 502 0.70 -25.68 20.77
C SER A 502 0.67 -26.90 19.85
N ALA A 503 -0.31 -26.98 18.96
CA ALA A 503 -0.30 -28.10 18.02
C ALA A 503 0.91 -28.02 17.09
N ALA A 504 1.33 -26.80 16.73
CA ALA A 504 2.57 -26.63 15.96
C ALA A 504 3.79 -27.02 16.78
N ASP A 505 3.79 -26.71 18.09
CA ASP A 505 4.93 -27.09 18.91
C ASP A 505 5.08 -28.61 18.95
N ILE A 506 3.94 -29.33 18.99
CA ILE A 506 3.98 -30.79 19.15
C ILE A 506 4.51 -31.46 17.88
N ILE A 507 3.99 -31.09 16.71
CA ILE A 507 4.49 -31.75 15.50
C ILE A 507 5.97 -31.43 15.29
N LYS A 508 6.43 -30.22 15.67
CA LYS A 508 7.85 -29.89 15.58
C LYS A 508 8.68 -30.82 16.46
N LYS A 509 8.25 -31.05 17.70
CA LYS A 509 9.00 -31.95 18.56
C LYS A 509 8.96 -33.38 18.04
N ALA A 510 7.80 -33.82 17.51
CA ALA A 510 7.71 -35.12 16.88
C ALA A 510 8.72 -35.24 15.73
N MET A 511 8.88 -34.19 14.92
CA MET A 511 9.85 -34.27 13.84
C MET A 511 11.27 -34.46 14.38
N ILE A 512 11.64 -33.75 15.45
CA ILE A 512 12.99 -33.92 16.01
C ILE A 512 13.17 -35.32 16.56
N ASP A 513 12.17 -35.82 17.31
CA ASP A 513 12.27 -37.17 17.88
C ASP A 513 12.27 -38.24 16.79
N LEU A 514 11.47 -38.07 15.73
CA LEU A 514 11.45 -39.04 14.65
C LEU A 514 12.81 -39.15 13.94
N ASN A 515 13.40 -38.01 13.56
CA ASN A 515 14.74 -38.02 12.96
C ASN A 515 15.76 -38.77 13.83
N ALA A 516 15.77 -38.53 15.14
CA ALA A 516 16.74 -39.20 16.02
C ALA A 516 16.48 -40.69 16.06
N ARG A 517 15.21 -41.08 16.01
CA ARG A 517 14.85 -42.49 16.04
C ARG A 517 15.22 -43.19 14.72
N LEU A 518 14.97 -42.54 13.58
CA LEU A 518 15.35 -43.14 12.31
C LEU A 518 16.86 -43.38 12.26
N LYS A 519 17.63 -42.46 12.82
CA LYS A 519 19.09 -42.59 12.85
C LYS A 519 19.51 -43.73 13.77
N GLU A 520 18.85 -43.86 14.92
CA GLU A 520 19.14 -44.95 15.86
C GLU A 520 18.90 -46.31 15.23
N GLU A 521 17.78 -46.47 14.52
CA GLU A 521 17.45 -47.73 13.86
C GLU A 521 18.22 -47.92 12.55
N ARG A 522 19.04 -46.94 12.14
CA ARG A 522 19.86 -47.07 10.92
C ARG A 522 19.00 -47.36 9.71
N LEU A 523 17.86 -46.68 9.62
CA LEU A 523 16.98 -46.80 8.48
C LEU A 523 17.26 -45.70 7.45
N GLN A 524 16.88 -45.97 6.20
CA GLN A 524 17.04 -45.03 5.12
C GLN A 524 15.85 -44.09 4.99
N ALA A 525 14.70 -44.46 5.54
CA ALA A 525 13.53 -43.57 5.62
C ALA A 525 13.92 -42.15 6.02
N HIS A 526 13.38 -41.17 5.29
CA HIS A 526 13.62 -39.77 5.63
C HIS A 526 12.37 -38.96 5.34
N LEU A 527 12.22 -37.89 6.12
CA LEU A 527 11.11 -36.97 5.94
C LEU A 527 11.19 -36.27 4.60
N LEU A 528 10.04 -36.12 3.96
CA LEU A 528 9.90 -35.25 2.78
C LEU A 528 9.11 -33.98 3.07
N LEU A 529 7.98 -34.09 3.77
CA LEU A 529 7.08 -32.95 3.95
C LEU A 529 6.48 -32.96 5.34
N GLN A 530 6.14 -31.76 5.80
CA GLN A 530 5.22 -31.57 6.91
C GLN A 530 4.01 -30.80 6.40
N VAL A 531 2.81 -31.27 6.73
CA VAL A 531 1.61 -30.49 6.41
C VAL A 531 0.81 -30.22 7.68
N HIS A 532 1.41 -29.47 8.62
CA HIS A 532 0.80 -28.88 9.82
C HIS A 532 0.54 -29.91 10.92
N ASP A 533 -0.06 -31.03 10.59
CA ASP A 533 -0.22 -32.08 11.58
C ASP A 533 0.09 -33.42 10.95
N GLU A 534 0.69 -33.42 9.78
CA GLU A 534 0.95 -34.63 9.03
C GLU A 534 2.43 -34.61 8.63
N LEU A 535 3.02 -35.80 8.62
CA LEU A 535 4.40 -36.01 8.21
C LEU A 535 4.39 -37.00 7.04
N ILE A 536 5.14 -36.68 6.00
CA ILE A 536 5.26 -37.54 4.85
C ILE A 536 6.73 -37.91 4.68
N LEU A 537 6.99 -39.21 4.62
CA LEU A 537 8.31 -39.78 4.45
C LEU A 537 8.33 -40.60 3.18
N GLU A 538 9.53 -40.97 2.75
CA GLU A 538 9.69 -42.06 1.80
C GLU A 538 10.73 -43.01 2.37
N ALA A 539 10.65 -44.27 1.98
CA ALA A 539 11.57 -45.30 2.48
C ALA A 539 11.56 -46.48 1.53
N PRO A 540 12.61 -47.30 1.56
CA PRO A 540 12.55 -48.60 0.88
C PRO A 540 11.33 -49.40 1.33
N LYS A 541 10.71 -50.13 0.40
CA LYS A 541 9.55 -50.93 0.81
C LYS A 541 9.92 -51.97 1.87
N GLU A 542 11.20 -52.35 1.97
CA GLU A 542 11.63 -53.26 3.02
C GLU A 542 11.46 -52.67 4.41
N GLU A 543 11.35 -51.34 4.54
CA GLU A 543 11.27 -50.70 5.85
C GLU A 543 9.84 -50.37 6.27
N MET A 544 8.85 -50.54 5.39
CA MET A 544 7.49 -50.09 5.70
C MET A 544 6.96 -50.71 6.99
N GLU A 545 7.10 -52.03 7.17
CA GLU A 545 6.47 -52.65 8.34
C GLU A 545 7.06 -52.11 9.63
N ARG A 546 8.37 -51.91 9.67
CA ARG A 546 8.96 -51.29 10.85
C ARG A 546 8.45 -49.86 11.02
N LEU A 547 8.24 -49.11 9.92
CA LEU A 547 7.80 -47.73 10.03
C LEU A 547 6.36 -47.62 10.56
N CYS A 548 5.53 -48.62 10.23
CA CYS A 548 4.15 -48.67 10.74
C CYS A 548 4.11 -48.73 12.26
N ARG A 549 5.15 -49.28 12.88
CA ARG A 549 5.20 -49.31 14.33
C ARG A 549 6.02 -48.17 14.92
N LEU A 550 7.03 -47.70 14.20
CA LEU A 550 7.94 -46.69 14.72
C LEU A 550 7.32 -45.29 14.67
N VAL A 551 6.79 -44.91 13.51
CA VAL A 551 6.35 -43.54 13.28
C VAL A 551 5.15 -43.18 14.15
N PRO A 552 4.07 -43.98 14.23
CA PRO A 552 2.98 -43.61 15.13
C PRO A 552 3.43 -43.47 16.58
N GLU A 553 4.27 -44.39 17.04
CA GLU A 553 4.71 -44.35 18.43
C GLU A 553 5.53 -43.09 18.74
N VAL A 554 6.46 -42.72 17.85
CA VAL A 554 7.21 -41.48 18.05
C VAL A 554 6.25 -40.29 18.10
N MET A 555 5.33 -40.21 17.15
CA MET A 555 4.43 -39.07 17.10
C MET A 555 3.55 -39.00 18.35
N GLU A 556 3.00 -40.15 18.78
CA GLU A 556 2.10 -40.18 19.92
C GLU A 556 2.80 -39.88 21.23
N GLN A 557 4.11 -40.11 21.31
CA GLN A 557 4.85 -39.88 22.54
C GLN A 557 5.62 -38.57 22.53
N ALA A 558 5.44 -37.72 21.51
CA ALA A 558 6.22 -36.50 21.45
C ALA A 558 6.03 -35.66 22.70
N VAL A 559 4.79 -35.57 23.20
CA VAL A 559 4.48 -34.94 24.48
C VAL A 559 3.49 -35.84 25.21
N THR A 560 3.35 -35.58 26.50
CA THR A 560 2.35 -36.24 27.32
C THR A 560 1.28 -35.23 27.68
N LEU A 561 0.06 -35.48 27.22
CA LEU A 561 -1.06 -34.63 27.59
C LEU A 561 -2.02 -35.41 28.49
N ARG A 562 -3.00 -34.69 29.03
CA ARG A 562 -4.03 -35.31 29.84
C ARG A 562 -4.95 -36.19 28.99
N VAL A 563 -4.84 -36.13 27.68
CA VAL A 563 -5.54 -37.08 26.82
C VAL A 563 -4.48 -37.72 25.94
N PRO A 564 -4.73 -38.93 25.45
CA PRO A 564 -3.78 -39.52 24.50
C PRO A 564 -3.82 -38.80 23.15
N LEU A 565 -2.68 -38.87 22.46
CA LEU A 565 -2.58 -38.45 21.07
C LEU A 565 -2.79 -39.67 20.16
N LYS A 566 -3.47 -39.46 19.02
CA LYS A 566 -3.76 -40.54 18.09
C LYS A 566 -3.24 -40.21 16.69
N VAL A 567 -2.58 -41.18 16.08
CA VAL A 567 -1.94 -41.03 14.79
C VAL A 567 -2.51 -42.05 13.82
N ASP A 568 -3.00 -41.58 12.67
CA ASP A 568 -3.35 -42.44 11.55
C ASP A 568 -2.22 -42.45 10.53
N TYR A 569 -2.10 -43.55 9.79
CA TYR A 569 -0.96 -43.71 8.90
C TYR A 569 -1.31 -44.64 7.75
N HIS A 570 -0.71 -44.37 6.59
CA HIS A 570 -0.93 -45.11 5.35
C HIS A 570 0.35 -45.06 4.53
N TYR A 571 0.48 -46.01 3.61
CA TYR A 571 1.61 -45.97 2.69
C TYR A 571 1.19 -46.56 1.35
N GLY A 572 1.99 -46.25 0.33
CA GLY A 572 1.68 -46.69 -1.01
C GLY A 572 2.69 -46.14 -2.00
N SER A 573 2.40 -46.37 -3.28
CA SER A 573 3.34 -46.14 -4.36
C SER A 573 3.44 -44.69 -4.78
N THR A 574 2.43 -43.89 -4.47
CA THR A 574 2.42 -42.46 -4.72
C THR A 574 1.77 -41.78 -3.53
N TRP A 575 1.86 -40.45 -3.50
CA TRP A 575 1.24 -39.70 -2.42
C TRP A 575 -0.27 -39.93 -2.41
N TYR A 576 -0.87 -40.07 -3.58
CA TYR A 576 -2.29 -40.43 -3.68
C TYR A 576 -2.61 -41.71 -2.89
N ASP A 577 -1.76 -42.74 -3.03
CA ASP A 577 -1.96 -44.03 -2.40
C ASP A 577 -1.66 -44.04 -0.92
N ALA A 578 -0.93 -43.05 -0.43
CA ALA A 578 -0.63 -43.00 1.01
C ALA A 578 -1.77 -42.37 1.80
N LYS A 579 -3.00 -42.63 1.37
CA LYS A 579 -4.22 -42.12 2.01
C LYS A 579 -5.43 -43.00 1.67
N1 C42 B 9 -5.66 -26.82 7.40
N1 C42 B 9 -5.43 -27.06 7.39
C2 C42 B 9 -6.00 -25.74 8.09
C2 C42 B 9 -5.77 -25.97 8.05
N3 C42 B 9 -7.08 -25.06 7.80
N3 C42 B 9 -6.90 -25.33 7.82
C4 C42 B 9 -7.90 -25.44 6.83
C4 C42 B 9 -7.75 -25.78 6.91
C5 C42 B 9 -7.59 -26.57 6.08
C5 C42 B 9 -7.44 -26.92 6.18
C6 C42 B 9 -6.43 -27.25 6.42
C6 C42 B 9 -6.24 -27.55 6.45
O2 C42 B 9 -5.32 -25.35 8.98
O2 C42 B 9 -5.04 -25.55 8.88
N4 C42 B 9 -9.09 -24.67 6.52
N4 C42 B 9 -8.99 -25.08 6.65
C1' C42 B 9 -4.54 -27.51 7.72
C1' C42 B 9 -4.27 -27.69 7.65
C2' C42 B 9 -4.89 -28.54 8.79
C2' C42 B 9 -4.49 -28.81 8.66
C3' C42 B 9 -5.24 -29.76 7.95
C3' C42 B 9 -4.52 -30.05 7.78
C4' C42 B 9 -4.08 -29.66 6.83
C4' C42 B 9 -3.47 -29.64 6.61
O4' C42 B 9 -4.00 -28.39 6.52
O4' C42 B 9 -3.70 -28.39 6.35
C5' C42 B 9 -4.44 -30.51 5.61
C5' C42 B 9 -3.76 -30.51 5.39
O5' C42 B 9 -5.76 -30.21 5.24
O5' C42 B 9 -5.14 -30.44 5.20
P C42 B 9 -6.41 -30.94 3.89
P C42 B 9 -5.88 -31.23 3.96
O1P C42 B 9 -6.26 -32.43 3.93
O1P C42 B 9 -5.28 -32.59 3.76
O3P C42 B 9 -7.85 -30.52 3.80
O3P C42 B 9 -7.37 -31.26 4.16
N C42 B 9 -5.21 -31.05 8.72
N C42 B 9 -4.06 -31.29 8.49
N LYS D 1 -24.26 9.47 25.96
CA LYS D 1 -23.31 10.54 26.25
C LYS D 1 -23.66 11.81 25.46
N MET D 2 -23.77 11.68 24.14
CA MET D 2 -24.05 12.81 23.24
C MET D 2 -25.55 12.85 23.00
N ALA D 3 -26.25 13.68 23.78
CA ALA D 3 -27.70 13.83 23.69
C ALA D 3 -28.03 15.00 22.77
N PHE D 4 -29.09 14.84 21.98
CA PHE D 4 -29.50 15.84 20.99
C PHE D 4 -30.95 15.60 20.62
N THR D 5 -31.54 16.58 19.92
CA THR D 5 -32.92 16.50 19.47
C THR D 5 -32.98 16.26 17.96
N LEU D 6 -33.70 15.21 17.55
CA LEU D 6 -34.05 15.02 16.15
C LEU D 6 -35.27 15.86 15.85
N ALA D 7 -35.04 17.07 15.35
CA ALA D 7 -36.10 18.01 15.05
C ALA D 7 -36.81 17.61 13.76
N ASP D 8 -38.15 17.60 13.81
CA ASP D 8 -38.99 17.47 12.62
C ASP D 8 -39.45 18.81 12.07
N ARG D 9 -39.28 19.90 12.83
CA ARG D 9 -39.44 21.25 12.32
C ARG D 9 -38.32 22.11 12.89
N VAL D 10 -38.12 23.28 12.28
CA VAL D 10 -37.10 24.22 12.70
C VAL D 10 -37.67 25.11 13.79
N THR D 11 -37.05 25.10 14.97
CA THR D 11 -37.49 25.98 16.05
C THR D 11 -36.58 27.19 16.14
N GLU D 12 -37.12 28.24 16.75
CA GLU D 12 -36.45 29.53 16.85
C GLU D 12 -35.13 29.44 17.61
N GLU D 13 -35.02 28.45 18.51
CA GLU D 13 -33.77 28.18 19.21
C GLU D 13 -32.61 27.99 18.25
N MET D 14 -32.83 27.15 17.22
CA MET D 14 -31.75 26.75 16.32
C MET D 14 -31.11 27.92 15.61
N LEU D 15 -31.82 29.04 15.48
CA LEU D 15 -31.33 30.18 14.71
C LEU D 15 -30.57 31.18 15.56
N ALA D 16 -29.77 30.70 16.52
CA ALA D 16 -28.93 31.58 17.33
C ALA D 16 -27.89 32.28 16.47
N ASP D 17 -27.30 33.33 17.02
CA ASP D 17 -26.34 34.13 16.27
C ASP D 17 -24.91 33.59 16.33
N LYS D 18 -24.69 32.47 17.02
CA LYS D 18 -23.45 31.71 16.88
C LYS D 18 -23.78 30.24 16.96
N ALA D 19 -23.19 29.45 16.06
CA ALA D 19 -23.48 28.03 16.04
C ALA D 19 -22.38 27.30 15.29
N ALA D 20 -22.19 26.04 15.66
CA ALA D 20 -21.45 25.11 14.82
C ALA D 20 -22.46 24.48 13.88
N LEU D 21 -22.15 24.51 12.57
CA LEU D 21 -23.06 24.03 11.55
C LEU D 21 -22.41 22.91 10.74
N VAL D 22 -23.19 21.86 10.46
CA VAL D 22 -22.74 20.73 9.65
C VAL D 22 -23.79 20.50 8.56
N VAL D 23 -23.39 20.67 7.31
CA VAL D 23 -24.24 20.44 6.15
C VAL D 23 -23.54 19.31 5.38
N GLU D 24 -23.97 18.08 5.63
CA GLU D 24 -23.20 16.90 5.24
C GLU D 24 -23.39 16.58 3.77
N VAL D 25 -22.27 16.51 3.04
CA VAL D 25 -22.23 16.08 1.64
C VAL D 25 -21.23 14.94 1.53
N VAL D 26 -21.71 13.72 1.31
CA VAL D 26 -20.86 12.54 1.41
C VAL D 26 -20.01 12.34 0.14
N GLU D 27 -20.51 12.71 -1.03
CA GLU D 27 -19.76 12.46 -2.26
C GLU D 27 -18.51 13.34 -2.32
N GLU D 28 -17.43 12.76 -2.85
CA GLU D 28 -16.15 13.48 -2.95
C GLU D 28 -16.31 14.76 -3.76
N ASN D 29 -16.80 14.65 -4.98
CA ASN D 29 -17.10 15.82 -5.82
C ASN D 29 -18.44 16.36 -5.36
N TYR D 30 -18.45 17.54 -4.74
CA TYR D 30 -19.68 18.03 -4.12
C TYR D 30 -20.56 18.85 -5.07
N HIS D 31 -20.19 18.97 -6.34
CA HIS D 31 -21.02 19.69 -7.30
C HIS D 31 -22.31 18.94 -7.55
N ASP D 32 -23.43 19.60 -7.33
CA ASP D 32 -24.74 19.03 -7.61
C ASP D 32 -24.98 17.73 -6.86
N ALA D 33 -24.39 17.58 -5.67
CA ALA D 33 -24.39 16.38 -4.87
C ALA D 33 -25.40 16.47 -3.74
N PRO D 34 -25.99 15.33 -3.33
CA PRO D 34 -27.05 15.37 -2.31
C PRO D 34 -26.52 15.87 -0.97
N ILE D 35 -27.39 16.57 -0.23
CA ILE D 35 -27.15 16.92 1.16
C ILE D 35 -27.95 15.95 2.01
N VAL D 36 -27.26 15.13 2.81
CA VAL D 36 -27.89 13.99 3.47
C VAL D 36 -28.34 14.28 4.91
N GLY D 37 -27.94 15.41 5.48
CA GLY D 37 -28.35 15.75 6.83
C GLY D 37 -27.68 17.04 7.26
N ILE D 38 -28.28 17.66 8.27
CA ILE D 38 -27.81 18.92 8.83
C ILE D 38 -27.69 18.76 10.34
N ALA D 39 -26.70 19.42 10.94
CA ALA D 39 -26.55 19.44 12.39
C ALA D 39 -26.21 20.84 12.86
N VAL D 40 -26.87 21.26 13.93
CA VAL D 40 -26.67 22.59 14.52
C VAL D 40 -26.43 22.42 16.01
N VAL D 41 -25.34 23.02 16.50
CA VAL D 41 -25.01 23.05 17.92
C VAL D 41 -24.77 24.50 18.29
N ASN D 42 -25.45 24.98 19.33
CA ASN D 42 -25.30 26.36 19.80
C ASN D 42 -25.54 26.39 21.31
N GLU D 43 -25.70 27.60 21.86
CA GLU D 43 -25.84 27.73 23.30
C GLU D 43 -27.11 27.04 23.83
N HIS D 44 -28.14 26.91 22.97
CA HIS D 44 -29.43 26.37 23.41
C HIS D 44 -29.50 24.85 23.33
N GLY D 45 -28.63 24.20 22.55
CA GLY D 45 -28.62 22.74 22.53
C GLY D 45 -27.98 22.20 21.26
N ARG D 46 -28.29 20.92 20.99
CA ARG D 46 -27.74 20.18 19.85
C ARG D 46 -28.91 19.63 19.03
N PHE D 47 -28.96 20.02 17.74
CA PHE D 47 -30.11 19.71 16.89
C PHE D 47 -29.70 18.99 15.61
N PHE D 48 -30.47 17.98 15.24
CA PHE D 48 -30.39 17.37 13.92
C PHE D 48 -31.63 17.73 13.11
N LEU D 49 -31.42 18.03 11.82
CA LEU D 49 -32.50 18.39 10.91
C LEU D 49 -32.38 17.57 9.63
N ARG D 50 -33.51 17.01 9.20
CA ARG D 50 -33.57 16.44 7.88
C ARG D 50 -33.47 17.57 6.86
N PRO D 51 -32.69 17.39 5.80
CA PRO D 51 -32.50 18.49 4.83
C PRO D 51 -33.80 18.92 4.15
N GLU D 52 -34.73 18.00 3.88
CA GLU D 52 -35.98 18.40 3.20
C GLU D 52 -36.79 19.38 4.05
N THR D 53 -36.84 19.16 5.36
CA THR D 53 -37.56 20.09 6.23
C THR D 53 -36.76 21.38 6.42
N ALA D 54 -35.46 21.27 6.69
CA ALA D 54 -34.67 22.44 7.03
C ALA D 54 -34.51 23.37 5.84
N LEU D 55 -34.18 22.84 4.67
CA LEU D 55 -33.83 23.68 3.52
C LEU D 55 -35.05 24.21 2.78
N ALA D 56 -36.23 23.70 3.07
CA ALA D 56 -37.47 24.31 2.58
C ALA D 56 -38.07 25.27 3.61
N ASP D 57 -37.49 25.36 4.81
CA ASP D 57 -38.01 26.28 5.80
C ASP D 57 -37.45 27.68 5.54
N PRO D 58 -38.31 28.69 5.42
CA PRO D 58 -37.82 30.00 4.98
C PRO D 58 -36.99 30.73 6.03
N GLN D 59 -37.20 30.46 7.31
CA GLN D 59 -36.37 31.11 8.34
C GLN D 59 -34.98 30.49 8.40
N PHE D 60 -34.90 29.15 8.40
CA PHE D 60 -33.60 28.50 8.32
C PHE D 60 -32.83 28.98 7.10
N VAL D 61 -33.50 29.08 5.95
CA VAL D 61 -32.82 29.60 4.76
C VAL D 61 -32.36 31.04 5.00
N ALA D 62 -33.20 31.83 5.67
CA ALA D 62 -32.81 33.19 6.04
C ALA D 62 -31.59 33.19 6.95
N TRP D 63 -31.61 32.34 7.98
CA TRP D 63 -30.47 32.25 8.90
C TRP D 63 -29.19 31.85 8.17
N LEU D 64 -29.25 30.81 7.33
CA LEU D 64 -28.08 30.41 6.54
C LEU D 64 -27.52 31.57 5.75
N GLY D 65 -28.42 32.39 5.17
CA GLY D 65 -28.02 33.55 4.40
C GLY D 65 -27.65 34.78 5.22
N ASP D 66 -27.96 34.81 6.51
CA ASP D 66 -27.68 35.98 7.32
C ASP D 66 -26.22 35.95 7.78
N GLU D 67 -25.40 36.84 7.23
CA GLU D 67 -23.99 36.87 7.61
C GLU D 67 -23.74 37.42 9.01
N THR D 68 -24.75 38.03 9.64
CA THR D 68 -24.62 38.41 11.05
C THR D 68 -24.84 37.23 11.99
N LYS D 69 -25.32 36.10 11.47
CA LYS D 69 -25.38 34.86 12.25
C LYS D 69 -24.12 34.08 11.95
N LYS D 70 -23.24 33.96 12.93
CA LYS D 70 -21.90 33.43 12.71
C LYS D 70 -21.90 31.91 12.84
N LYS D 71 -21.24 31.23 11.89
CA LYS D 71 -21.19 29.79 11.82
C LYS D 71 -19.77 29.27 11.92
N SER D 72 -19.60 28.16 12.62
CA SER D 72 -18.36 27.42 12.69
C SER D 72 -18.59 26.08 12.01
N MET D 73 -17.73 25.75 11.03
CA MET D 73 -17.91 24.57 10.20
C MET D 73 -16.57 23.88 9.98
N PHE D 74 -16.65 22.70 9.37
CA PHE D 74 -15.51 22.02 8.77
C PHE D 74 -15.74 21.99 7.27
N ASP D 75 -14.80 22.59 6.50
CA ASP D 75 -14.84 22.61 5.04
C ASP D 75 -16.05 23.40 4.56
N SER D 76 -16.07 24.69 4.87
CA SER D 76 -17.23 25.50 4.54
C SER D 76 -17.48 25.59 3.04
N LYS D 77 -16.44 25.47 2.20
CA LYS D 77 -16.62 25.61 0.76
C LYS D 77 -17.46 24.48 0.18
N ARG D 78 -17.18 23.24 0.59
CA ARG D 78 -18.04 22.09 0.28
C ARG D 78 -19.50 22.37 0.61
N ALA D 79 -19.76 22.92 1.80
CA ALA D 79 -21.13 23.20 2.21
C ALA D 79 -21.74 24.31 1.38
N ALA D 80 -20.96 25.36 1.10
CA ALA D 80 -21.51 26.52 0.43
C ALA D 80 -21.80 26.22 -1.03
N VAL D 81 -20.94 25.43 -1.68
CA VAL D 81 -21.15 25.07 -3.09
C VAL D 81 -22.30 24.09 -3.23
N ALA D 82 -22.36 23.08 -2.36
CA ALA D 82 -23.53 22.19 -2.39
C ALA D 82 -24.82 22.97 -2.10
N LEU D 83 -24.76 24.00 -1.25
CA LEU D 83 -25.94 24.81 -1.02
C LEU D 83 -26.27 25.67 -2.25
N LYS D 84 -25.26 26.19 -2.94
CA LYS D 84 -25.55 26.92 -4.18
C LYS D 84 -26.27 26.02 -5.18
N TRP D 85 -25.85 24.75 -5.30
CA TRP D 85 -26.54 23.83 -6.20
C TRP D 85 -27.96 23.55 -5.77
N LYS D 86 -28.30 23.74 -4.49
CA LYS D 86 -29.67 23.65 -4.02
C LYS D 86 -30.36 25.00 -3.99
N GLY D 87 -29.77 26.03 -4.61
CA GLY D 87 -30.39 27.34 -4.68
C GLY D 87 -30.30 28.21 -3.43
N ILE D 88 -29.38 27.90 -2.50
CA ILE D 88 -29.34 28.59 -1.21
C ILE D 88 -27.96 29.20 -1.00
N GLU D 89 -27.93 30.48 -0.60
CA GLU D 89 -26.70 31.15 -0.24
C GLU D 89 -26.34 30.90 1.23
N LEU D 90 -25.06 30.66 1.49
CA LEU D 90 -24.52 30.49 2.83
C LEU D 90 -23.62 31.67 3.13
N CYS D 91 -23.87 32.33 4.27
CA CYS D 91 -23.08 33.49 4.67
C CYS D 91 -22.70 33.38 6.14
N GLY D 92 -21.83 34.29 6.58
CA GLY D 92 -21.46 34.38 7.97
C GLY D 92 -20.64 33.23 8.54
N VAL D 93 -19.81 32.58 7.71
CA VAL D 93 -18.94 31.51 8.20
C VAL D 93 -17.75 32.17 8.89
N SER D 94 -17.70 32.04 10.21
CA SER D 94 -16.66 32.74 10.99
C SER D 94 -15.47 31.86 11.34
N PHE D 95 -15.59 30.55 11.23
CA PHE D 95 -14.49 29.67 11.57
C PHE D 95 -14.62 28.39 10.75
N ASP D 96 -13.54 28.03 10.06
CA ASP D 96 -13.48 26.80 9.28
C ASP D 96 -12.39 25.90 9.87
N LEU D 97 -12.81 24.82 10.53
CA LEU D 97 -11.87 23.92 11.19
C LEU D 97 -10.91 23.25 10.20
N LEU D 98 -11.33 23.01 8.95
CA LEU D 98 -10.43 22.38 7.99
C LEU D 98 -9.23 23.27 7.70
N LEU D 99 -9.48 24.56 7.46
CA LEU D 99 -8.42 25.49 7.13
C LEU D 99 -7.57 25.82 8.36
N ALA D 100 -8.17 25.80 9.56
CA ALA D 100 -7.38 25.99 10.78
C ALA D 100 -6.39 24.85 10.96
N ALA D 101 -6.85 23.59 10.86
CA ALA D 101 -5.94 22.45 10.96
C ALA D 101 -4.85 22.53 9.89
N TYR D 102 -5.23 22.84 8.65
CA TYR D 102 -4.29 22.92 7.55
C TYR D 102 -3.18 23.93 7.83
N LEU D 103 -3.54 25.11 8.33
CA LEU D 103 -2.52 26.11 8.65
C LEU D 103 -1.57 25.63 9.75
N LEU D 104 -2.10 24.95 10.77
CA LEU D 104 -1.26 24.46 11.87
C LEU D 104 -0.20 23.47 11.37
N ASP D 105 -0.62 22.45 10.64
CA ASP D 105 0.32 21.46 10.10
C ASP D 105 -0.25 20.88 8.82
N PRO D 106 0.20 21.36 7.66
CA PRO D 106 -0.30 20.81 6.39
C PRO D 106 0.00 19.33 6.21
N ALA D 107 1.07 18.80 6.82
CA ALA D 107 1.39 17.40 6.63
C ALA D 107 0.48 16.46 7.41
N GLN D 108 -0.44 16.98 8.24
CA GLN D 108 -1.39 16.13 8.93
C GLN D 108 -2.36 15.44 7.96
N GLY D 109 -2.58 16.01 6.79
CA GLY D 109 -3.53 15.42 5.85
C GLY D 109 -4.95 15.36 6.38
N VAL D 110 -5.36 16.39 7.14
CA VAL D 110 -6.64 16.36 7.82
C VAL D 110 -7.76 16.46 6.80
N ASP D 111 -8.62 15.42 6.75
CA ASP D 111 -9.71 15.37 5.80
C ASP D 111 -11.08 15.11 6.42
N ASP D 112 -11.18 14.95 7.74
CA ASP D 112 -12.47 14.97 8.40
C ASP D 112 -12.33 15.55 9.80
N VAL D 113 -13.49 15.80 10.42
CA VAL D 113 -13.52 16.42 11.74
C VAL D 113 -12.74 15.57 12.75
N ALA D 114 -12.94 14.25 12.72
CA ALA D 114 -12.24 13.36 13.64
C ALA D 114 -10.73 13.53 13.57
N ALA D 115 -10.19 13.67 12.36
CA ALA D 115 -8.74 13.77 12.20
C ALA D 115 -8.20 15.07 12.76
N ALA D 116 -8.94 16.17 12.57
CA ALA D 116 -8.57 17.43 13.22
C ALA D 116 -8.79 17.38 14.73
N ALA D 117 -9.71 16.54 15.20
CA ALA D 117 -9.92 16.37 16.63
C ALA D 117 -8.73 15.70 17.30
N LYS D 118 -8.00 14.86 16.57
CA LYS D 118 -6.86 14.17 17.14
C LYS D 118 -5.75 15.12 17.56
N MET D 119 -5.65 16.28 16.89
CA MET D 119 -4.63 17.26 17.24
C MET D 119 -4.81 17.83 18.64
N LYS D 120 -5.97 17.64 19.26
CA LYS D 120 -6.24 18.20 20.57
C LYS D 120 -6.85 17.14 21.49
N GLN D 121 -6.57 15.87 21.19
CA GLN D 121 -7.02 14.75 22.02
C GLN D 121 -8.52 14.79 22.27
N TYR D 122 -9.27 15.23 21.26
CA TYR D 122 -10.73 15.12 21.26
C TYR D 122 -11.10 13.80 20.62
N GLU D 123 -11.85 12.98 21.35
CA GLU D 123 -12.14 11.61 20.93
C GLU D 123 -13.62 11.32 20.76
N ALA D 124 -14.50 12.25 21.08
CA ALA D 124 -15.93 11.93 21.06
C ALA D 124 -16.52 12.02 19.65
N VAL D 125 -15.74 11.69 18.63
CA VAL D 125 -16.22 11.78 17.25
C VAL D 125 -15.51 10.72 16.42
N ARG D 126 -16.32 9.99 15.55
CA ARG D 126 -15.80 8.92 14.70
C ARG D 126 -15.30 9.47 13.36
N PRO D 127 -14.36 8.77 12.74
CA PRO D 127 -13.93 9.14 11.39
C PRO D 127 -15.03 8.83 10.38
N ASP D 128 -15.06 9.65 9.33
CA ASP D 128 -16.15 9.59 8.34
C ASP D 128 -16.27 8.21 7.72
N GLU D 129 -15.15 7.63 7.30
CA GLU D 129 -15.21 6.32 6.63
C GLU D 129 -15.66 5.22 7.58
N ALA D 130 -15.42 5.37 8.89
CA ALA D 130 -15.98 4.43 9.85
C ALA D 130 -17.50 4.51 9.87
N VAL D 131 -18.06 5.66 9.53
CA VAL D 131 -19.51 5.77 9.45
C VAL D 131 -20.02 5.40 8.06
N TYR D 132 -19.37 5.88 7.01
CA TYR D 132 -19.95 5.75 5.68
C TYR D 132 -19.51 4.51 4.92
N GLY D 133 -18.36 3.93 5.25
CA GLY D 133 -17.87 2.79 4.51
C GLY D 133 -16.93 3.20 3.39
N LYS D 134 -16.53 2.20 2.61
CA LYS D 134 -15.51 2.37 1.58
C LYS D 134 -15.92 1.63 0.32
N GLY D 135 -15.73 2.25 -0.84
CA GLY D 135 -15.96 1.56 -2.08
C GLY D 135 -17.44 1.31 -2.36
N ALA D 136 -17.71 0.19 -3.03
CA ALA D 136 -19.10 -0.15 -3.33
C ALA D 136 -19.89 -0.50 -2.09
N LYS D 137 -19.28 -0.50 -0.90
CA LYS D 137 -19.99 -0.66 0.35
C LYS D 137 -20.41 0.67 0.98
N ARG D 138 -20.04 1.80 0.36
CA ARG D 138 -20.29 3.12 0.93
C ARG D 138 -21.79 3.43 0.87
N ALA D 139 -22.39 3.72 2.02
CA ALA D 139 -23.79 4.09 2.08
C ALA D 139 -24.03 5.03 3.26
N VAL D 140 -25.09 5.83 3.15
CA VAL D 140 -25.55 6.69 4.23
C VAL D 140 -26.21 5.81 5.29
N PRO D 141 -25.75 5.85 6.55
CA PRO D 141 -26.31 4.94 7.55
C PRO D 141 -27.73 5.32 7.96
N ASP D 142 -28.38 4.39 8.66
CA ASP D 142 -29.74 4.60 9.16
C ASP D 142 -29.83 5.92 9.93
N GLU D 143 -31.01 6.55 9.84
CA GLU D 143 -31.16 7.93 10.32
C GLU D 143 -30.59 8.17 11.72
N PRO D 144 -30.85 7.33 12.73
CA PRO D 144 -30.28 7.61 14.06
C PRO D 144 -28.76 7.57 14.08
N VAL D 145 -28.14 6.69 13.30
CA VAL D 145 -26.69 6.63 13.21
C VAL D 145 -26.15 7.90 12.54
N LEU D 146 -26.67 8.23 11.35
CA LEU D 146 -26.28 9.46 10.67
C LEU D 146 -26.45 10.66 11.59
N ALA D 147 -27.60 10.74 12.27
CA ALA D 147 -27.91 11.92 13.08
C ALA D 147 -26.90 12.10 14.19
N GLU D 148 -26.61 11.02 14.94
CA GLU D 148 -25.63 11.09 16.02
C GLU D 148 -24.26 11.51 15.49
N HIS D 149 -23.86 10.96 14.33
CA HIS D 149 -22.55 11.27 13.77
C HIS D 149 -22.42 12.76 13.45
N LEU D 150 -23.42 13.32 12.77
CA LEU D 150 -23.35 14.73 12.39
C LEU D 150 -23.39 15.63 13.61
N VAL D 151 -24.17 15.26 14.64
CA VAL D 151 -24.20 16.03 15.88
C VAL D 151 -22.81 16.01 16.52
N ARG D 152 -22.19 14.83 16.58
CA ARG D 152 -20.87 14.73 17.20
C ARG D 152 -19.83 15.57 16.47
N LYS D 153 -19.91 15.63 15.14
CA LYS D 153 -19.00 16.50 14.39
C LYS D 153 -19.26 17.96 14.71
N ALA D 154 -20.53 18.36 14.79
CA ALA D 154 -20.86 19.74 15.16
C ALA D 154 -20.43 20.06 16.59
N ALA D 155 -20.55 19.09 17.52
CA ALA D 155 -20.02 19.28 18.86
C ALA D 155 -18.51 19.51 18.83
N ALA D 156 -17.79 18.67 18.09
CA ALA D 156 -16.34 18.81 18.01
C ALA D 156 -15.94 20.19 17.50
N ILE D 157 -16.58 20.67 16.43
CA ILE D 157 -16.30 22.01 15.94
C ILE D 157 -16.59 23.04 17.03
N TRP D 158 -17.63 22.80 17.83
CA TRP D 158 -17.99 23.75 18.88
C TRP D 158 -16.91 23.77 19.97
N GLU D 159 -16.49 22.59 20.45
CA GLU D 159 -15.48 22.52 21.49
C GLU D 159 -14.09 22.90 20.99
N LEU D 160 -13.82 22.69 19.70
CA LEU D 160 -12.45 22.79 19.21
C LEU D 160 -12.09 24.15 18.67
N GLU D 161 -13.06 25.03 18.45
CA GLU D 161 -12.75 26.32 17.85
C GLU D 161 -11.73 27.08 18.68
N ARG D 162 -12.00 27.23 19.99
CA ARG D 162 -11.12 28.05 20.82
C ARG D 162 -9.74 27.42 20.97
N PRO D 163 -9.60 26.11 21.21
CA PRO D 163 -8.25 25.53 21.21
C PRO D 163 -7.50 25.69 19.91
N PHE D 164 -8.17 25.54 18.76
CA PHE D 164 -7.49 25.70 17.48
C PHE D 164 -7.14 27.15 17.24
N LEU D 165 -8.08 28.06 17.49
CA LEU D 165 -7.78 29.48 17.37
C LEU D 165 -6.63 29.86 18.29
N ASP D 166 -6.56 29.26 19.48
CA ASP D 166 -5.50 29.58 20.41
C ASP D 166 -4.13 29.25 19.85
N GLU D 167 -3.95 28.02 19.34
CA GLU D 167 -2.66 27.66 18.76
C GLU D 167 -2.35 28.49 17.52
N LEU D 168 -3.39 28.78 16.71
CA LEU D 168 -3.20 29.68 15.56
C LEU D 168 -2.68 31.03 16.02
N ARG D 169 -3.22 31.56 17.12
CA ARG D 169 -2.73 32.85 17.61
C ARG D 169 -1.28 32.76 18.06
N ARG D 170 -0.84 31.61 18.62
CA ARG D 170 0.54 31.49 19.08
C ARG D 170 1.52 31.42 17.91
N ASN D 171 1.11 30.80 16.80
CA ASN D 171 1.96 30.72 15.62
C ASN D 171 1.91 31.98 14.77
N GLU D 172 1.16 33.00 15.18
CA GLU D 172 0.95 34.20 14.38
C GLU D 172 0.34 33.85 13.02
N GLN D 173 -0.69 33.01 13.05
CA GLN D 173 -1.40 32.59 11.86
C GLN D 173 -2.91 32.85 11.98
N ASP D 174 -3.33 33.58 13.02
CA ASP D 174 -4.76 33.82 13.22
C ASP D 174 -5.33 34.72 12.14
N ARG D 175 -4.58 35.75 11.73
CA ARG D 175 -5.01 36.62 10.64
C ARG D 175 -4.81 35.98 9.28
N LEU D 176 -3.84 35.05 9.17
CA LEU D 176 -3.74 34.20 7.99
C LEU D 176 -5.05 33.44 7.77
N LEU D 177 -5.59 32.83 8.83
CA LEU D 177 -6.86 32.11 8.71
C LEU D 177 -8.03 33.06 8.48
N VAL D 178 -8.12 34.14 9.24
CA VAL D 178 -9.35 34.93 9.27
C VAL D 178 -9.41 35.94 8.13
N GLU D 179 -8.27 36.47 7.69
CA GLU D 179 -8.26 37.51 6.67
C GLU D 179 -7.73 37.04 5.31
N LEU D 180 -7.18 35.83 5.22
CA LEU D 180 -6.76 35.29 3.92
C LEU D 180 -7.55 34.02 3.56
N GLU D 181 -7.35 32.91 4.28
CA GLU D 181 -7.85 31.62 3.80
C GLU D 181 -9.37 31.58 3.78
N GLN D 182 -10.01 32.03 4.85
CA GLN D 182 -11.47 31.91 4.93
C GLN D 182 -12.17 32.83 3.92
N PRO D 183 -11.73 34.09 3.73
CA PRO D 183 -12.34 34.88 2.64
C PRO D 183 -12.04 34.31 1.27
N LEU D 184 -10.85 33.73 1.06
CA LEU D 184 -10.54 33.09 -0.21
C LEU D 184 -11.45 31.89 -0.47
N SER D 185 -11.79 31.16 0.59
CA SER D 185 -12.70 30.02 0.45
C SER D 185 -14.01 30.41 -0.22
N SER D 186 -14.62 31.53 0.18
CA SER D 186 -15.89 31.95 -0.42
C SER D 186 -15.73 32.33 -1.88
N ILE D 187 -14.62 32.98 -2.21
CA ILE D 187 -14.31 33.34 -3.60
C ILE D 187 -14.14 32.09 -4.46
N LEU D 188 -13.38 31.11 -3.97
CA LEU D 188 -13.23 29.86 -4.70
C LEU D 188 -14.58 29.14 -4.86
N ALA D 189 -15.45 29.24 -3.85
CA ALA D 189 -16.80 28.71 -3.97
C ALA D 189 -17.52 29.31 -5.17
N GLU D 190 -17.45 30.64 -5.30
CA GLU D 190 -18.09 31.33 -6.42
C GLU D 190 -17.49 30.91 -7.76
N MET D 191 -16.16 30.88 -7.87
CA MET D 191 -15.53 30.48 -9.12
C MET D 191 -15.92 29.05 -9.52
N GLU D 192 -15.88 28.11 -8.55
CA GLU D 192 -16.26 26.73 -8.83
C GLU D 192 -17.70 26.63 -9.31
N PHE D 193 -18.62 27.35 -8.64
CA PHE D 193 -20.03 27.28 -9.02
C PHE D 193 -20.26 27.90 -10.41
N ALA D 194 -19.60 29.01 -10.72
CA ALA D 194 -19.79 29.64 -12.03
C ALA D 194 -19.41 28.69 -13.15
N GLY D 195 -18.28 27.97 -12.98
CA GLY D 195 -17.82 27.02 -13.97
C GLY D 195 -17.21 27.72 -15.19
N VAL D 196 -16.74 26.91 -16.13
CA VAL D 196 -16.18 27.44 -17.37
C VAL D 196 -16.91 26.80 -18.55
N LYS D 197 -17.44 27.63 -19.43
CA LYS D 197 -18.12 27.13 -20.64
C LYS D 197 -17.12 26.49 -21.59
N VAL D 198 -17.49 25.34 -22.14
CA VAL D 198 -16.64 24.71 -23.15
C VAL D 198 -17.43 24.50 -24.43
N ASP D 199 -16.71 24.59 -25.55
CA ASP D 199 -17.25 24.41 -26.90
C ASP D 199 -17.13 22.93 -27.26
N THR D 200 -18.16 22.14 -26.90
CA THR D 200 -18.06 20.69 -27.05
C THR D 200 -17.95 20.29 -28.53
N LYS D 201 -18.62 21.02 -29.44
CA LYS D 201 -18.51 20.75 -30.87
C LYS D 201 -17.06 20.79 -31.33
N ARG D 202 -16.30 21.80 -30.89
CA ARG D 202 -14.90 21.90 -31.31
C ARG D 202 -14.05 20.80 -30.68
N LEU D 203 -14.28 20.46 -29.41
CA LEU D 203 -13.56 19.35 -28.78
C LEU D 203 -13.83 18.04 -29.51
N GLU D 204 -15.10 17.75 -29.75
CA GLU D 204 -15.45 16.50 -30.42
C GLU D 204 -14.80 16.42 -31.80
N GLN D 205 -14.77 17.54 -32.51
CA GLN D 205 -14.13 17.53 -33.82
C GLN D 205 -12.62 17.31 -33.69
N MET D 206 -11.98 17.97 -32.71
CA MET D 206 -10.58 17.68 -32.42
C MET D 206 -10.39 16.21 -32.08
N GLY D 207 -11.33 15.61 -31.34
CA GLY D 207 -11.19 14.22 -30.97
C GLY D 207 -11.21 13.28 -32.15
N LYS D 208 -12.10 13.54 -33.12
CA LYS D 208 -12.16 12.68 -34.29
C LYS D 208 -10.87 12.75 -35.11
N GLU D 209 -10.32 13.96 -35.30
CA GLU D 209 -9.09 14.09 -36.08
C GLU D 209 -7.89 13.52 -35.35
N LEU D 210 -7.91 13.54 -34.02
CA LEU D 210 -6.82 12.93 -33.25
C LEU D 210 -6.84 11.40 -33.35
N ALA D 211 -8.04 10.79 -33.32
CA ALA D 211 -8.14 9.34 -33.45
C ALA D 211 -7.56 8.85 -34.78
N GLU D 212 -7.86 9.56 -35.88
CA GLU D 212 -7.25 9.25 -37.18
C GLU D 212 -5.73 9.29 -37.11
N GLN D 213 -5.17 10.41 -36.62
CA GLN D 213 -3.73 10.52 -36.49
C GLN D 213 -3.15 9.43 -35.60
N LEU D 214 -3.85 9.10 -34.50
CA LEU D 214 -3.38 8.04 -33.64
C LEU D 214 -3.27 6.72 -34.39
N GLY D 215 -4.24 6.44 -35.27
CA GLY D 215 -4.17 5.24 -36.07
C GLY D 215 -3.02 5.23 -37.06
N THR D 216 -2.65 6.41 -37.59
CA THR D 216 -1.56 6.45 -38.56
C THR D 216 -0.22 6.23 -37.89
N VAL D 217 0.06 6.98 -36.82
CA VAL D 217 1.32 6.81 -36.09
C VAL D 217 1.43 5.40 -35.52
N GLU D 218 0.31 4.82 -35.09
CA GLU D 218 0.31 3.47 -34.52
C GLU D 218 0.78 2.45 -35.56
N GLN D 219 0.33 2.60 -36.80
CA GLN D 219 0.78 1.73 -37.89
C GLN D 219 2.27 1.94 -38.17
N ARG D 220 2.70 3.19 -38.24
CA ARG D 220 4.11 3.49 -38.47
C ARG D 220 4.99 2.86 -37.39
N ILE D 221 4.49 2.80 -36.15
CA ILE D 221 5.27 2.20 -35.07
C ILE D 221 5.40 0.70 -35.29
N TYR D 222 4.29 0.03 -35.66
CA TYR D 222 4.31 -1.42 -35.81
C TYR D 222 5.28 -1.85 -36.90
N GLU D 223 5.36 -1.10 -37.99
CA GLU D 223 6.25 -1.48 -39.08
C GLU D 223 7.71 -1.08 -38.79
N LEU D 224 7.94 -0.02 -38.04
CA LEU D 224 9.28 0.25 -37.54
C LEU D 224 9.72 -0.79 -36.52
N ALA D 225 8.76 -1.35 -35.76
CA ALA D 225 9.05 -2.44 -34.83
C ALA D 225 9.11 -3.78 -35.52
N GLY D 226 8.82 -3.84 -36.82
CA GLY D 226 8.75 -5.08 -37.56
C GLY D 226 7.63 -6.00 -37.12
N GLN D 227 6.76 -5.57 -36.22
CA GLN D 227 5.70 -6.44 -35.72
C GLN D 227 4.67 -5.59 -34.99
N GLU D 228 3.51 -6.20 -34.76
CA GLU D 228 2.46 -5.59 -33.96
C GLU D 228 2.68 -5.96 -32.50
N PHE D 229 2.29 -5.04 -31.62
CA PHE D 229 2.40 -5.21 -30.17
C PHE D 229 1.58 -4.10 -29.54
N ASN D 230 1.48 -4.12 -28.22
CA ASN D 230 0.78 -3.06 -27.50
C ASN D 230 1.80 -2.02 -27.03
N ILE D 231 1.65 -0.79 -27.54
CA ILE D 231 2.60 0.30 -27.30
C ILE D 231 2.49 0.86 -25.90
N ASN D 232 1.34 0.69 -25.25
CA ASN D 232 1.17 1.22 -23.90
C ASN D 232 1.61 0.25 -22.82
N SER D 233 1.88 -1.01 -23.19
CA SER D 233 2.36 -2.09 -22.32
C SER D 233 3.87 -1.93 -22.13
N PRO D 234 4.32 -1.40 -20.98
CA PRO D 234 5.77 -1.18 -20.78
C PRO D 234 6.62 -2.42 -20.97
N LYS D 235 6.07 -3.59 -20.66
CA LYS D 235 6.80 -4.83 -20.86
C LYS D 235 7.02 -5.09 -22.34
N GLN D 236 5.94 -5.11 -23.14
CA GLN D 236 6.06 -5.25 -24.58
C GLN D 236 6.92 -4.15 -25.19
N LEU D 237 6.72 -2.90 -24.76
CA LEU D 237 7.52 -1.80 -25.29
C LEU D 237 8.99 -1.95 -24.89
N GLY D 238 9.27 -2.44 -23.69
CA GLY D 238 10.64 -2.72 -23.30
C GLY D 238 11.25 -3.84 -24.11
N VAL D 239 10.47 -4.89 -24.38
CA VAL D 239 10.96 -5.99 -25.21
C VAL D 239 11.27 -5.50 -26.62
N ILE D 240 10.39 -4.68 -27.19
CA ILE D 240 10.64 -4.16 -28.54
C ILE D 240 11.91 -3.31 -28.55
N LEU D 241 12.02 -2.39 -27.61
CA LEU D 241 13.10 -1.40 -27.65
C LEU D 241 14.44 -2.00 -27.25
N PHE D 242 14.49 -2.74 -26.15
CA PHE D 242 15.75 -3.10 -25.53
C PHE D 242 16.13 -4.56 -25.69
N GLU D 243 15.21 -5.42 -26.08
CA GLU D 243 15.55 -6.79 -26.41
C GLU D 243 15.50 -7.08 -27.90
N LYS D 244 14.45 -6.64 -28.61
CA LYS D 244 14.40 -6.90 -30.05
C LYS D 244 15.27 -5.92 -30.83
N LEU D 245 15.07 -4.62 -30.62
CA LEU D 245 15.89 -3.63 -31.32
C LEU D 245 17.22 -3.36 -30.64
N GLN D 246 17.40 -3.83 -29.40
CA GLN D 246 18.67 -3.78 -28.68
C GLN D 246 19.19 -2.35 -28.51
N LEU D 247 18.28 -1.41 -28.23
CA LEU D 247 18.73 -0.07 -27.95
C LEU D 247 19.36 -0.03 -26.56
N PRO D 248 20.29 0.90 -26.32
CA PRO D 248 20.97 0.94 -25.01
C PRO D 248 20.00 1.20 -23.87
N VAL D 249 20.33 0.66 -22.68
CA VAL D 249 19.49 0.76 -21.50
C VAL D 249 20.05 1.89 -20.65
N LEU D 250 19.40 3.06 -20.71
CA LEU D 250 19.87 4.26 -20.03
C LEU D 250 19.30 4.41 -18.63
N LYS D 251 18.27 3.63 -18.28
CA LYS D 251 17.59 3.79 -17.01
C LYS D 251 16.63 2.63 -16.79
N LYS D 252 16.59 2.13 -15.56
CA LYS D 252 15.65 1.12 -15.14
C LYS D 252 14.72 1.68 -14.07
N THR D 253 13.56 1.06 -13.95
CA THR D 253 12.61 1.33 -12.87
C THR D 253 12.58 0.14 -11.92
N LYS D 254 11.88 0.33 -10.80
CA LYS D 254 11.66 -0.77 -9.87
C LYS D 254 11.08 -1.99 -10.58
N THR D 255 10.30 -1.77 -11.64
CA THR D 255 9.63 -2.87 -12.31
C THR D 255 10.28 -3.29 -13.63
N GLY D 256 11.03 -2.41 -14.29
CA GLY D 256 11.68 -2.79 -15.54
C GLY D 256 12.47 -1.70 -16.24
N TYR D 257 12.47 -1.71 -17.57
CA TYR D 257 13.18 -0.68 -18.33
C TYR D 257 12.36 0.60 -18.34
N SER D 258 13.02 1.72 -18.05
CA SER D 258 12.37 3.01 -18.22
C SER D 258 12.17 3.34 -19.71
N THR D 259 10.99 3.91 -20.03
CA THR D 259 10.75 4.49 -21.35
C THR D 259 10.24 5.92 -21.24
N SER D 260 10.56 6.63 -20.17
CA SER D 260 10.18 8.03 -20.03
C SER D 260 10.75 8.87 -21.18
N ALA D 261 10.14 10.04 -21.40
CA ALA D 261 10.45 10.85 -22.58
C ALA D 261 11.92 11.27 -22.63
N ASP D 262 12.53 11.60 -21.49
CA ASP D 262 13.95 11.98 -21.48
C ASP D 262 14.83 10.83 -21.97
N VAL D 263 14.48 9.59 -21.61
CA VAL D 263 15.17 8.43 -22.14
C VAL D 263 14.96 8.32 -23.64
N LEU D 264 13.69 8.39 -24.07
CA LEU D 264 13.40 8.22 -25.49
C LEU D 264 14.08 9.28 -26.34
N GLU D 265 14.12 10.53 -25.84
CA GLU D 265 14.79 11.59 -26.58
C GLU D 265 16.26 11.29 -26.80
N LYS D 266 16.93 10.68 -25.80
CA LYS D 266 18.33 10.29 -25.96
C LYS D 266 18.48 9.05 -26.83
N LEU D 267 17.44 8.22 -26.96
CA LEU D 267 17.52 7.11 -27.89
C LEU D 267 17.24 7.50 -29.33
N ALA D 268 16.80 8.74 -29.59
CA ALA D 268 16.51 9.17 -30.95
C ALA D 268 17.62 8.92 -31.96
N PRO D 269 18.92 9.13 -31.66
CA PRO D 269 19.96 8.81 -32.66
C PRO D 269 20.01 7.33 -33.05
N TYR D 270 19.39 6.43 -32.29
CA TYR D 270 19.53 5.01 -32.54
C TYR D 270 18.46 4.43 -33.45
N HIS D 271 17.29 5.06 -33.52
CA HIS D 271 16.19 4.42 -34.23
C HIS D 271 15.02 5.38 -34.35
N GLU D 272 14.33 5.31 -35.50
CA GLU D 272 13.23 6.23 -35.75
C GLU D 272 11.99 5.87 -34.95
N ILE D 273 11.90 4.65 -34.42
CA ILE D 273 10.67 4.23 -33.74
C ILE D 273 10.44 5.04 -32.47
N VAL D 274 11.49 5.61 -31.87
CA VAL D 274 11.30 6.24 -30.57
C VAL D 274 10.63 7.60 -30.71
N GLU D 275 10.95 8.36 -31.75
CA GLU D 275 10.26 9.64 -31.94
C GLU D 275 8.80 9.43 -32.31
N ASN D 276 8.49 8.35 -33.03
CA ASN D 276 7.09 8.02 -33.29
C ASN D 276 6.35 7.64 -32.01
N ILE D 277 7.00 6.88 -31.12
CA ILE D 277 6.39 6.57 -29.83
C ILE D 277 6.06 7.86 -29.07
N LEU D 278 7.02 8.80 -29.03
CA LEU D 278 6.75 10.08 -28.38
C LEU D 278 5.54 10.80 -28.99
N HIS D 279 5.46 10.83 -30.34
CA HIS D 279 4.31 11.45 -31.00
C HIS D 279 3.01 10.73 -30.65
N TYR D 280 3.05 9.40 -30.62
CA TYR D 280 1.89 8.60 -30.23
C TYR D 280 1.45 8.90 -28.79
N ARG D 281 2.40 9.01 -27.86
CA ARG D 281 2.04 9.33 -26.48
C ARG D 281 1.44 10.71 -26.36
N GLN D 282 1.98 11.69 -27.09
CA GLN D 282 1.47 13.04 -26.96
C GLN D 282 0.07 13.18 -27.54
N LEU D 283 -0.18 12.54 -28.70
CA LEU D 283 -1.53 12.49 -29.23
C LEU D 283 -2.47 11.79 -28.25
N GLY D 284 -2.01 10.70 -27.62
CA GLY D 284 -2.88 9.91 -26.76
C GLY D 284 -3.15 10.58 -25.43
N LYS D 285 -2.15 11.29 -24.89
CA LYS D 285 -2.35 12.14 -23.72
C LYS D 285 -3.45 13.16 -23.98
N LEU D 286 -3.46 13.75 -25.18
CA LEU D 286 -4.52 14.71 -25.53
C LEU D 286 -5.87 14.02 -25.59
N GLN D 287 -5.92 12.87 -26.24
CA GLN D 287 -7.19 12.18 -26.43
C GLN D 287 -7.79 11.76 -25.11
N SER D 288 -7.01 11.03 -24.30
CA SER D 288 -7.58 10.41 -23.12
C SER D 288 -7.85 11.44 -22.03
N THR D 289 -6.93 12.38 -21.81
CA THR D 289 -7.04 13.27 -20.66
C THR D 289 -7.80 14.55 -20.96
N TYR D 290 -7.58 15.12 -22.14
CA TYR D 290 -8.08 16.45 -22.43
C TYR D 290 -9.21 16.49 -23.45
N ILE D 291 -9.46 15.40 -24.17
CA ILE D 291 -10.63 15.34 -25.03
C ILE D 291 -11.67 14.47 -24.34
N GLU D 292 -11.37 13.17 -24.21
CA GLU D 292 -12.31 12.25 -23.58
C GLU D 292 -12.54 12.60 -22.11
N GLY D 293 -11.45 12.86 -21.37
CA GLY D 293 -11.59 13.16 -19.95
C GLY D 293 -12.36 14.43 -19.70
N LEU D 294 -12.13 15.44 -20.53
CA LEU D 294 -12.86 16.70 -20.37
C LEU D 294 -14.33 16.53 -20.75
N LEU D 295 -14.62 15.81 -21.84
CA LEU D 295 -16.02 15.64 -22.24
C LEU D 295 -16.83 14.79 -21.24
N LYS D 296 -16.16 13.93 -20.46
CA LYS D 296 -16.88 13.15 -19.45
C LYS D 296 -17.39 14.00 -18.29
N VAL D 297 -16.72 15.11 -17.97
CA VAL D 297 -17.13 15.92 -16.82
C VAL D 297 -17.88 17.18 -17.21
N VAL D 298 -18.15 17.38 -18.50
CA VAL D 298 -18.93 18.54 -18.93
C VAL D 298 -20.39 18.32 -18.55
N ARG D 299 -21.00 19.29 -17.91
CA ARG D 299 -22.42 19.19 -17.64
C ARG D 299 -23.16 19.49 -18.93
N PRO D 300 -23.92 18.54 -19.48
CA PRO D 300 -24.40 18.69 -20.86
C PRO D 300 -25.40 19.81 -21.03
N ALA D 301 -26.21 20.12 -20.02
CA ALA D 301 -27.26 21.14 -20.18
C ALA D 301 -26.67 22.53 -20.37
N THR D 302 -25.55 22.84 -19.72
CA THR D 302 -24.94 24.16 -19.79
C THR D 302 -23.59 24.16 -20.49
N LYS D 303 -23.04 22.99 -20.83
CA LYS D 303 -21.70 22.85 -21.40
C LYS D 303 -20.62 23.44 -20.49
N LYS D 304 -20.81 23.38 -19.18
CA LYS D 304 -19.84 23.89 -18.23
C LYS D 304 -19.13 22.76 -17.49
N VAL D 305 -17.81 22.93 -17.28
CA VAL D 305 -17.02 22.09 -16.37
C VAL D 305 -16.86 22.82 -15.06
N HIS D 306 -17.04 22.12 -13.94
CA HIS D 306 -16.95 22.71 -12.61
C HIS D 306 -15.84 21.99 -11.84
N THR D 307 -14.65 22.61 -11.82
CA THR D 307 -13.52 22.06 -11.08
C THR D 307 -13.72 22.25 -9.57
N ILE D 308 -12.86 21.61 -8.80
CA ILE D 308 -12.81 21.82 -7.36
C ILE D 308 -11.39 22.26 -7.03
N PHE D 309 -11.25 23.46 -6.50
CA PHE D 309 -9.97 23.92 -6.00
C PHE D 309 -9.81 23.43 -4.57
N ASN D 310 -8.92 22.49 -4.36
CA ASN D 310 -8.60 22.02 -3.02
C ASN D 310 -7.69 23.05 -2.34
N GLN D 311 -8.16 23.63 -1.24
CA GLN D 311 -7.46 24.71 -0.55
C GLN D 311 -6.61 24.22 0.62
N ALA D 312 -6.78 22.97 1.03
CA ALA D 312 -6.12 22.42 2.21
C ALA D 312 -5.39 21.13 1.86
N LEU D 313 -4.63 21.17 0.76
CA LEU D 313 -4.03 19.96 0.25
C LEU D 313 -2.52 20.08 0.08
N THR D 314 -2.02 21.07 -0.66
CA THR D 314 -0.59 21.09 -0.97
C THR D 314 0.22 21.50 0.26
N GLN D 315 1.47 21.03 0.29
CA GLN D 315 2.31 21.23 1.46
C GLN D 315 2.95 22.61 1.51
N THR D 316 2.78 23.42 0.47
CA THR D 316 3.39 24.75 0.39
C THR D 316 2.37 25.88 0.40
N GLY D 317 1.07 25.60 0.31
CA GLY D 317 0.04 26.62 0.28
C GLY D 317 -0.51 26.92 -1.10
N ARG D 318 -0.05 26.23 -2.13
CA ARG D 318 -0.70 26.33 -3.43
C ARG D 318 -2.10 25.73 -3.37
N LEU D 319 -2.92 26.10 -4.36
CA LEU D 319 -4.13 25.36 -4.64
C LEU D 319 -3.79 24.16 -5.55
N SER D 320 -4.65 23.16 -5.51
CA SER D 320 -4.74 22.18 -6.58
C SER D 320 -6.16 22.20 -7.13
N SER D 321 -6.32 21.61 -8.30
CA SER D 321 -7.56 21.67 -9.08
C SER D 321 -7.84 20.26 -9.58
N THR D 322 -9.04 19.74 -9.31
CA THR D 322 -9.35 18.35 -9.61
C THR D 322 -10.72 18.22 -10.26
N GLU D 323 -10.85 17.19 -11.12
CA GLU D 323 -12.07 16.69 -11.75
C GLU D 323 -12.95 17.79 -12.35
N PRO D 324 -12.49 18.45 -13.43
CA PRO D 324 -11.19 18.24 -14.08
C PRO D 324 -10.10 19.10 -13.50
N ASN D 325 -8.85 18.75 -13.80
CA ASN D 325 -7.73 19.61 -13.46
C ASN D 325 -7.65 20.71 -14.51
N LEU D 326 -8.00 21.94 -14.14
CA LEU D 326 -7.95 23.07 -15.06
C LEU D 326 -6.66 23.88 -14.93
N GLN D 327 -5.69 23.38 -14.16
CA GLN D 327 -4.39 24.02 -13.98
C GLN D 327 -3.30 23.37 -14.81
N ASN D 328 -3.62 22.34 -15.60
CA ASN D 328 -2.59 21.76 -16.47
C ASN D 328 -3.15 21.51 -17.88
N ILE D 329 -3.91 22.47 -18.39
CA ILE D 329 -4.39 22.38 -19.78
C ILE D 329 -3.22 22.67 -20.71
N PRO D 330 -3.03 21.89 -21.78
CA PRO D 330 -1.83 22.05 -22.62
C PRO D 330 -1.65 23.45 -23.17
N ILE D 331 -0.39 23.87 -23.28
CA ILE D 331 -0.07 25.18 -23.85
C ILE D 331 1.25 25.14 -24.61
N ARG D 332 2.18 24.27 -24.19
CA ARG D 332 3.57 24.43 -24.65
C ARG D 332 3.76 24.00 -26.11
N LEU D 333 3.09 22.93 -26.54
CA LEU D 333 3.12 22.47 -27.93
C LEU D 333 1.90 23.02 -28.67
N GLU D 334 2.05 23.21 -29.98
CA GLU D 334 0.96 23.83 -30.74
C GLU D 334 -0.21 22.88 -30.92
N GLU D 335 0.07 21.60 -31.21
CA GLU D 335 -0.99 20.59 -31.19
C GLU D 335 -1.82 20.70 -29.93
N GLY D 336 -1.16 20.61 -28.77
CA GLY D 336 -1.86 20.59 -27.50
C GLY D 336 -2.58 21.89 -27.18
N ARG D 337 -1.95 23.03 -27.51
CA ARG D 337 -2.50 24.33 -27.16
C ARG D 337 -3.88 24.59 -27.77
N LYS D 338 -4.21 23.93 -28.88
CA LYS D 338 -5.51 24.08 -29.52
C LYS D 338 -6.65 23.72 -28.57
N ILE D 339 -6.39 22.86 -27.59
CA ILE D 339 -7.38 22.55 -26.56
C ILE D 339 -7.95 23.83 -25.94
N ARG D 340 -7.12 24.85 -25.77
CA ARG D 340 -7.61 26.07 -25.12
C ARG D 340 -8.62 26.83 -25.99
N GLN D 341 -8.70 26.53 -27.28
CA GLN D 341 -9.74 27.14 -28.12
C GLN D 341 -11.14 26.70 -27.71
N ALA D 342 -11.27 25.57 -27.03
CA ALA D 342 -12.59 25.09 -26.63
C ALA D 342 -13.08 25.68 -25.31
N PHE D 343 -12.29 26.54 -24.66
CA PHE D 343 -12.71 27.22 -23.44
C PHE D 343 -13.17 28.63 -23.82
N VAL D 344 -14.47 28.87 -23.71
CA VAL D 344 -15.10 30.06 -24.28
C VAL D 344 -15.78 30.82 -23.14
N PRO D 345 -16.11 32.09 -23.35
CA PRO D 345 -16.90 32.82 -22.36
C PRO D 345 -18.27 32.17 -22.22
N SER D 346 -18.91 32.48 -21.10
CA SER D 346 -20.18 31.87 -20.75
C SER D 346 -21.39 32.68 -21.21
N GLU D 347 -21.17 33.87 -21.79
CA GLU D 347 -22.22 34.68 -22.40
C GLU D 347 -21.77 35.13 -23.79
N SER D 348 -22.74 35.51 -24.60
CA SER D 348 -22.44 36.16 -25.88
C SER D 348 -21.87 37.56 -25.66
N ASP D 349 -20.79 37.87 -26.39
CA ASP D 349 -20.11 39.17 -26.37
C ASP D 349 -19.37 39.42 -25.05
N TRP D 350 -18.96 38.36 -24.38
CA TRP D 350 -17.95 38.44 -23.34
C TRP D 350 -16.64 37.93 -23.90
N LEU D 351 -15.55 38.20 -23.18
CA LEU D 351 -14.23 37.73 -23.55
C LEU D 351 -13.53 37.11 -22.34
N ILE D 352 -12.45 36.39 -22.61
CA ILE D 352 -11.59 35.80 -21.59
C ILE D 352 -10.40 36.74 -21.36
N PHE D 353 -10.08 36.99 -20.08
CA PHE D 353 -9.01 37.90 -19.70
C PHE D 353 -8.03 37.20 -18.77
N ALA D 354 -6.75 37.15 -19.15
CA ALA D 354 -5.73 36.42 -18.40
C ALA D 354 -4.62 37.37 -17.96
N ALA D 355 -4.33 37.38 -16.65
CA ALA D 355 -3.22 38.14 -16.08
C ALA D 355 -2.29 37.22 -15.28
N ASP D 356 -0.99 37.32 -15.52
CA ASP D 356 -0.02 36.42 -14.91
C ASP D 356 1.22 37.18 -14.45
N TYR D 357 1.65 36.90 -13.21
CA TYR D 357 2.85 37.52 -12.64
C TYR D 357 4.10 37.13 -13.43
N SER D 358 4.98 38.11 -13.63
CA SER D 358 6.26 37.88 -14.29
C SER D 358 7.30 37.40 -13.28
N GLN D 359 7.96 36.28 -13.61
CA GLN D 359 9.10 35.77 -12.84
C GLN D 359 8.83 35.75 -11.33
N ILE D 360 7.66 35.24 -10.95
CA ILE D 360 7.15 35.54 -9.61
C ILE D 360 8.08 34.97 -8.53
N GLU D 361 8.54 33.73 -8.68
CA GLU D 361 9.35 33.16 -7.61
C GLU D 361 10.76 33.76 -7.56
N LEU D 362 11.26 34.32 -8.66
CA LEU D 362 12.55 35.00 -8.60
C LEU D 362 12.44 36.32 -7.85
N ARG D 363 11.32 37.03 -7.99
CA ARG D 363 11.15 38.30 -7.27
C ARG D 363 10.95 38.05 -5.78
N VAL D 364 10.10 37.09 -5.42
CA VAL D 364 10.00 36.67 -4.04
C VAL D 364 11.37 36.30 -3.49
N LEU D 365 12.17 35.58 -4.28
CA LEU D 365 13.48 35.16 -3.81
C LEU D 365 14.39 36.36 -3.59
N ALA D 366 14.40 37.30 -4.54
CA ALA D 366 15.21 38.50 -4.41
C ALA D 366 14.84 39.27 -3.15
N HIS D 367 13.54 39.40 -2.88
CA HIS D 367 13.10 40.07 -1.66
C HIS D 367 13.59 39.34 -0.42
N ILE D 368 13.48 38.01 -0.41
CA ILE D 368 13.72 37.26 0.81
C ILE D 368 15.21 37.04 1.02
N ALA D 369 15.92 36.62 -0.03
CA ALA D 369 17.37 36.48 0.09
C ALA D 369 18.05 37.84 0.27
N GLU D 370 17.37 38.93 -0.09
CA GLU D 370 17.96 40.26 -0.09
C GLU D 370 19.22 40.28 -0.95
N ASP D 371 19.20 39.50 -2.03
CA ASP D 371 20.35 39.42 -2.94
C ASP D 371 20.46 40.72 -3.72
N ASP D 372 21.59 41.41 -3.54
CA ASP D 372 21.78 42.73 -4.12
C ASP D 372 21.67 42.71 -5.64
N ASN D 373 22.34 41.75 -6.29
CA ASN D 373 22.33 41.68 -7.75
C ASN D 373 20.92 41.44 -8.27
N LEU D 374 20.17 40.54 -7.64
CA LEU D 374 18.85 40.18 -8.15
C LEU D 374 17.85 41.32 -7.94
N MET D 375 17.86 41.93 -6.75
CA MET D 375 17.00 43.08 -6.52
C MET D 375 17.31 44.21 -7.50
N GLU D 376 18.54 44.27 -8.00
CA GLU D 376 18.87 45.27 -9.01
C GLU D 376 18.17 44.95 -10.31
N ALA D 377 18.35 43.71 -10.81
CA ALA D 377 17.78 43.31 -12.09
C ALA D 377 16.27 43.55 -12.13
N PHE D 378 15.60 43.48 -10.98
CA PHE D 378 14.17 43.70 -10.93
C PHE D 378 13.80 45.15 -10.65
N ARG D 379 14.70 45.94 -10.05
CA ARG D 379 14.56 47.39 -10.09
C ARG D 379 14.67 47.90 -11.52
N ARG D 380 15.59 47.31 -12.30
CA ARG D 380 15.87 47.71 -13.68
C ARG D 380 15.04 46.91 -14.71
N ASP D 381 14.03 46.15 -14.25
CA ASP D 381 13.04 45.54 -15.13
C ASP D 381 13.68 44.59 -16.15
N LEU D 382 14.59 43.75 -15.69
CA LEU D 382 15.25 42.76 -16.55
C LEU D 382 14.46 41.46 -16.60
N ASP D 383 14.87 40.58 -17.50
CA ASP D 383 14.26 39.26 -17.67
C ASP D 383 15.32 38.19 -17.40
N ILE D 384 15.32 37.68 -16.18
CA ILE D 384 16.33 36.69 -15.79
C ILE D 384 16.20 35.41 -16.61
N HIS D 385 14.97 35.06 -17.04
CA HIS D 385 14.82 33.85 -17.84
C HIS D 385 15.44 34.02 -19.23
N THR D 386 15.24 35.18 -19.85
CA THR D 386 15.83 35.44 -21.17
C THR D 386 17.35 35.57 -21.08
N LYS D 387 17.84 36.37 -20.13
CA LYS D 387 19.28 36.54 -19.97
C LYS D 387 19.96 35.21 -19.65
N THR D 388 19.24 34.29 -19.01
CA THR D 388 19.76 32.94 -18.82
C THR D 388 19.72 32.13 -20.11
N ALA D 389 18.72 32.38 -20.96
CA ALA D 389 18.64 31.70 -22.24
C ALA D 389 19.72 32.17 -23.19
N MET D 390 20.02 33.48 -23.18
CA MET D 390 21.12 33.99 -23.99
C MET D 390 22.43 33.31 -23.61
N ASP D 391 22.66 33.14 -22.31
CA ASP D 391 23.91 32.53 -21.85
C ASP D 391 23.98 31.06 -22.24
N ILE D 392 22.88 30.31 -22.09
CA ILE D 392 22.95 28.87 -22.31
C ILE D 392 23.12 28.56 -23.80
N PHE D 393 22.37 29.24 -24.65
CA PHE D 393 22.35 28.92 -26.08
C PHE D 393 23.14 29.93 -26.92
N GLN D 394 23.86 30.85 -26.28
CA GLN D 394 24.86 31.69 -26.94
C GLN D 394 24.26 32.54 -28.05
N VAL D 395 23.14 33.19 -27.76
CA VAL D 395 22.50 34.11 -28.69
C VAL D 395 22.21 35.41 -27.97
N SER D 396 21.64 36.38 -28.70
CA SER D 396 21.24 37.65 -28.12
C SER D 396 19.74 37.66 -27.87
N GLU D 397 19.30 38.71 -27.17
CA GLU D 397 17.92 38.80 -26.69
C GLU D 397 16.92 38.62 -27.82
N ASP D 398 17.25 39.11 -29.01
CA ASP D 398 16.35 39.03 -30.15
C ASP D 398 16.23 37.61 -30.72
N GLU D 399 17.20 36.75 -30.45
CA GLU D 399 17.25 35.42 -31.05
C GLU D 399 16.71 34.33 -30.12
N VAL D 400 16.06 34.69 -29.03
CA VAL D 400 15.64 33.73 -28.01
C VAL D 400 14.26 33.18 -28.37
N THR D 401 14.21 31.89 -28.73
CA THR D 401 12.95 31.26 -29.03
C THR D 401 12.10 31.13 -27.76
N PRO D 402 10.79 30.88 -27.89
CA PRO D 402 10.00 30.67 -26.67
C PRO D 402 10.40 29.42 -25.92
N ASN D 403 10.71 28.34 -26.63
CA ASN D 403 11.14 27.12 -25.96
C ASN D 403 12.53 27.28 -25.36
N MET D 404 13.37 28.13 -25.95
CA MET D 404 14.66 28.46 -25.33
C MET D 404 14.46 29.02 -23.93
N ARG D 405 13.62 30.07 -23.81
CA ARG D 405 13.34 30.66 -22.52
C ARG D 405 12.70 29.68 -21.55
N ARG D 406 11.86 28.74 -22.05
CA ARG D 406 11.26 27.74 -21.17
C ARG D 406 12.31 26.82 -20.56
N GLN D 407 13.33 26.44 -21.34
CA GLN D 407 14.39 25.60 -20.80
C GLN D 407 15.30 26.38 -19.86
N ALA D 408 15.53 27.66 -20.14
CA ALA D 408 16.26 28.50 -19.19
C ALA D 408 15.53 28.58 -17.85
N LYS D 409 14.20 28.60 -17.89
CA LYS D 409 13.41 28.66 -16.67
C LYS D 409 13.63 27.44 -15.78
N ALA D 410 13.65 26.24 -16.39
CA ALA D 410 13.89 25.07 -15.57
C ALA D 410 15.31 25.09 -15.00
N VAL D 411 16.26 25.72 -15.71
CA VAL D 411 17.62 25.85 -15.19
C VAL D 411 17.68 26.88 -14.06
N ASN D 412 17.00 28.03 -14.24
CA ASN D 412 16.95 29.04 -13.19
C ASN D 412 16.41 28.46 -11.88
N PHE D 413 15.23 27.84 -11.92
CA PHE D 413 14.66 27.29 -10.70
C PHE D 413 15.38 26.03 -10.28
N GLY D 414 15.92 25.27 -11.23
CA GLY D 414 16.75 24.13 -10.87
C GLY D 414 17.91 24.50 -9.97
N ILE D 415 18.59 25.61 -10.28
CA ILE D 415 19.78 25.97 -9.52
C ILE D 415 19.41 26.49 -8.14
N VAL D 416 18.48 27.46 -8.07
CA VAL D 416 18.15 28.00 -6.75
C VAL D 416 17.50 26.98 -5.84
N TYR D 417 17.07 25.82 -6.37
CA TYR D 417 16.39 24.80 -5.57
C TYR D 417 17.19 23.50 -5.46
N GLY D 418 18.48 23.52 -5.78
CA GLY D 418 19.37 22.44 -5.37
C GLY D 418 19.65 21.33 -6.38
N ILE D 419 19.43 21.56 -7.67
CA ILE D 419 19.80 20.54 -8.66
C ILE D 419 21.28 20.24 -8.56
N SER D 420 21.64 18.97 -8.78
CA SER D 420 23.04 18.59 -8.80
C SER D 420 23.63 18.84 -10.18
N ASP D 421 24.96 18.83 -10.25
CA ASP D 421 25.62 18.93 -11.55
C ASP D 421 25.16 17.82 -12.48
N TYR D 422 25.08 16.59 -11.97
CA TYR D 422 24.49 15.49 -12.71
C TYR D 422 23.12 15.85 -13.27
N GLY D 423 22.27 16.47 -12.46
CA GLY D 423 20.93 16.79 -12.92
C GLY D 423 20.92 17.86 -14.00
N LEU D 424 21.74 18.90 -13.83
CA LEU D 424 21.88 19.91 -14.86
C LEU D 424 22.52 19.34 -16.11
N ALA D 425 23.46 18.40 -15.95
CA ALA D 425 24.13 17.81 -17.11
C ALA D 425 23.19 16.96 -17.95
N GLN D 426 22.16 16.37 -17.33
CA GLN D 426 21.19 15.60 -18.10
C GLN D 426 20.16 16.51 -18.75
N ASN D 427 19.80 17.60 -18.07
CA ASN D 427 18.79 18.53 -18.54
C ASN D 427 19.26 19.30 -19.77
N LEU D 428 20.58 19.47 -19.91
CA LEU D 428 21.17 20.23 -21.00
C LEU D 428 22.15 19.39 -21.83
N ASN D 429 22.24 18.10 -21.54
CA ASN D 429 23.10 17.16 -22.27
C ASN D 429 24.54 17.65 -22.39
N ILE D 430 25.01 18.41 -21.40
CA ILE D 430 26.39 18.83 -21.32
C ILE D 430 27.13 17.89 -20.38
N SER D 431 28.45 18.07 -20.29
CA SER D 431 29.25 17.24 -19.41
C SER D 431 28.98 17.62 -17.95
N ARG D 432 29.29 16.68 -17.06
CA ARG D 432 29.04 16.91 -15.65
C ARG D 432 29.97 18.00 -15.08
N LYS D 433 31.20 18.09 -15.58
CA LYS D 433 32.11 19.15 -15.14
C LYS D 433 31.61 20.53 -15.56
N GLU D 434 31.17 20.65 -16.82
CA GLU D 434 30.63 21.92 -17.30
C GLU D 434 29.42 22.32 -16.48
N ALA D 435 28.51 21.37 -16.21
CA ALA D 435 27.32 21.68 -15.42
C ALA D 435 27.71 22.20 -14.03
N ALA D 436 28.76 21.63 -13.43
CA ALA D 436 29.20 22.09 -12.12
C ALA D 436 29.86 23.47 -12.21
N GLU D 437 30.66 23.69 -13.24
CA GLU D 437 31.24 25.02 -13.42
C GLU D 437 30.13 26.04 -13.68
N PHE D 438 29.08 25.64 -14.39
CA PHE D 438 27.96 26.53 -14.64
C PHE D 438 27.21 26.87 -13.36
N ILE D 439 26.98 25.87 -12.49
CA ILE D 439 26.30 26.14 -11.22
C ILE D 439 27.15 27.07 -10.36
N GLU D 440 28.46 26.80 -10.28
CA GLU D 440 29.37 27.68 -9.56
C GLU D 440 29.29 29.12 -10.06
N ARG D 441 29.28 29.32 -11.38
CA ARG D 441 29.21 30.67 -11.94
C ARG D 441 27.90 31.36 -11.54
N TYR D 442 26.80 30.64 -11.55
CA TYR D 442 25.50 31.22 -11.24
C TYR D 442 25.48 31.79 -9.83
N PHE D 443 26.20 31.14 -8.90
CA PHE D 443 26.21 31.62 -7.53
C PHE D 443 27.19 32.77 -7.33
N GLU D 444 28.25 32.86 -8.14
CA GLU D 444 29.09 34.05 -8.12
C GLU D 444 28.30 35.29 -8.50
N SER D 445 27.35 35.15 -9.42
CA SER D 445 26.53 36.28 -9.83
C SER D 445 25.46 36.65 -8.81
N PHE D 446 25.08 35.72 -7.94
CA PHE D 446 24.02 35.94 -6.95
C PHE D 446 24.42 35.30 -5.62
N PRO D 447 25.47 35.83 -4.98
CA PRO D 447 25.92 35.23 -3.71
C PRO D 447 24.94 35.42 -2.56
N GLY D 448 24.13 36.48 -2.57
CA GLY D 448 23.10 36.62 -1.56
C GLY D 448 22.12 35.46 -1.59
N VAL D 449 21.78 34.98 -2.79
CA VAL D 449 20.92 33.81 -2.91
C VAL D 449 21.60 32.58 -2.34
N LYS D 450 22.90 32.39 -2.63
CA LYS D 450 23.54 31.15 -2.19
C LYS D 450 23.62 31.06 -0.67
N ARG D 451 23.85 32.19 0.01
CA ARG D 451 23.87 32.10 1.46
C ARG D 451 22.46 32.14 2.06
N TYR D 452 21.48 32.72 1.37
CA TYR D 452 20.09 32.45 1.77
C TYR D 452 19.83 30.96 1.78
N MET D 453 20.19 30.28 0.69
CA MET D 453 19.99 28.84 0.60
C MET D 453 20.75 28.09 1.68
N GLU D 454 21.91 28.62 2.09
CA GLU D 454 22.67 27.97 3.15
C GLU D 454 22.07 28.25 4.52
N ASN D 455 21.63 29.48 4.75
CA ASN D 455 21.01 29.82 6.04
C ASN D 455 19.67 29.12 6.23
N ILE D 456 18.82 29.04 5.19
CA ILE D 456 17.49 28.50 5.42
C ILE D 456 17.54 27.01 5.74
N VAL D 457 18.53 26.30 5.18
CA VAL D 457 18.67 24.88 5.51
C VAL D 457 19.02 24.71 6.98
N GLN D 458 19.87 25.59 7.53
CA GLN D 458 20.27 25.46 8.93
C GLN D 458 19.23 26.04 9.91
N GLU D 459 18.43 27.02 9.49
CA GLU D 459 17.30 27.42 10.31
C GLU D 459 16.29 26.30 10.42
N ALA D 460 16.04 25.62 9.31
CA ALA D 460 15.12 24.49 9.33
C ALA D 460 15.60 23.40 10.28
N LYS D 461 16.92 23.15 10.30
CA LYS D 461 17.46 22.11 11.19
C LYS D 461 17.34 22.51 12.65
N GLN D 462 17.45 23.80 12.95
CA GLN D 462 17.31 24.27 14.32
C GLN D 462 15.84 24.31 14.75
N LYS D 463 14.98 24.95 13.96
CA LYS D 463 13.57 25.12 14.34
C LYS D 463 12.77 23.84 14.21
N GLY D 464 13.02 23.07 13.14
CA GLY D 464 12.08 22.04 12.75
C GLY D 464 11.01 22.48 11.77
N TYR D 465 11.07 23.70 11.24
CA TYR D 465 10.08 24.17 10.28
C TYR D 465 10.59 25.44 9.57
N VAL D 466 9.97 25.74 8.44
CA VAL D 466 10.21 26.99 7.71
C VAL D 466 8.87 27.74 7.59
N THR D 467 8.96 29.01 7.21
CA THR D 467 7.79 29.86 7.13
C THR D 467 7.79 30.62 5.81
N THR D 468 6.61 31.12 5.44
CA THR D 468 6.41 31.97 4.27
C THR D 468 6.25 33.42 4.72
N LEU D 469 6.22 34.33 3.73
CA LEU D 469 6.10 35.75 4.03
C LEU D 469 4.87 36.07 4.87
N LEU D 470 3.74 35.42 4.59
CA LEU D 470 2.51 35.67 5.33
C LEU D 470 2.27 34.66 6.45
N HIS D 471 3.34 34.04 6.97
CA HIS D 471 3.38 33.25 8.19
C HIS D 471 2.79 31.85 8.04
N ARG D 472 2.64 31.37 6.81
CA ARG D 472 2.43 29.94 6.61
C ARG D 472 3.69 29.18 6.99
N ARG D 473 3.53 27.94 7.44
CA ARG D 473 4.65 27.16 7.91
C ARG D 473 4.57 25.72 7.42
N ARG D 474 5.74 25.10 7.31
CA ARG D 474 5.83 23.69 6.94
C ARG D 474 6.88 23.03 7.81
N TYR D 475 6.46 22.02 8.58
CA TYR D 475 7.37 21.23 9.39
C TYR D 475 8.13 20.25 8.51
N LEU D 476 9.41 20.09 8.81
CA LEU D 476 10.31 19.23 8.04
C LEU D 476 11.07 18.34 9.02
N PRO D 477 10.37 17.42 9.68
CA PRO D 477 11.06 16.53 10.64
C PRO D 477 12.25 15.79 10.05
N ASP D 478 12.18 15.37 8.78
CA ASP D 478 13.23 14.55 8.17
C ASP D 478 14.54 15.28 7.93
N ILE D 479 14.60 16.59 8.19
CA ILE D 479 15.78 17.37 7.82
C ILE D 479 17.03 17.01 8.61
N THR D 480 16.89 16.23 9.69
CA THR D 480 18.03 15.79 10.48
C THR D 480 18.14 14.27 10.50
N SER D 481 17.62 13.61 9.47
CA SER D 481 17.51 12.16 9.47
C SER D 481 18.88 11.49 9.32
N ARG D 482 18.96 10.27 9.86
CA ARG D 482 20.07 9.35 9.61
C ARG D 482 20.38 9.25 8.12
N ASN D 483 19.33 9.03 7.33
CA ASN D 483 19.46 8.68 5.92
C ASN D 483 19.88 9.87 5.07
N PHE D 484 20.93 9.68 4.27
CA PHE D 484 21.42 10.78 3.42
C PHE D 484 20.34 11.25 2.46
N ASN D 485 19.61 10.31 1.85
CA ASN D 485 18.62 10.69 0.85
C ASN D 485 17.44 11.43 1.48
N VAL D 486 16.87 10.85 2.54
CA VAL D 486 15.75 11.51 3.24
C VAL D 486 16.15 12.91 3.69
N ARG D 487 17.38 13.08 4.18
CA ARG D 487 17.84 14.38 4.64
C ARG D 487 17.95 15.38 3.47
N SER D 488 18.56 14.96 2.35
CA SER D 488 18.74 15.86 1.20
C SER D 488 17.40 16.27 0.61
N PHE D 489 16.44 15.34 0.55
CA PHE D 489 15.12 15.72 0.07
C PHE D 489 14.49 16.78 0.97
N ALA D 490 14.63 16.64 2.29
CA ALA D 490 14.06 17.66 3.18
C ALA D 490 14.80 18.98 3.06
N GLU D 491 16.12 18.94 2.84
CA GLU D 491 16.88 20.19 2.69
C GLU D 491 16.38 20.99 1.49
N ARG D 492 16.06 20.30 0.39
CA ARG D 492 15.56 21.01 -0.78
C ARG D 492 14.16 21.56 -0.54
N MET D 493 13.33 20.88 0.26
CA MET D 493 12.06 21.48 0.66
C MET D 493 12.28 22.75 1.46
N ALA D 494 13.30 22.77 2.32
CA ALA D 494 13.59 24.00 3.05
C ALA D 494 13.98 25.13 2.11
N MET D 495 14.73 24.81 1.04
CA MET D 495 15.10 25.83 0.06
C MET D 495 13.88 26.29 -0.74
N ASN D 496 12.96 25.39 -1.06
CA ASN D 496 11.89 25.71 -2.00
C ASN D 496 10.62 26.19 -1.31
N THR D 497 10.15 25.47 -0.29
CA THR D 497 8.84 25.75 0.30
C THR D 497 8.64 27.22 0.68
N PRO D 498 9.61 27.92 1.29
CA PRO D 498 9.39 29.35 1.59
C PRO D 498 9.14 30.22 0.37
N ILE D 499 9.80 29.94 -0.76
CA ILE D 499 9.63 30.80 -1.94
C ILE D 499 8.30 30.52 -2.64
N GLN D 500 8.06 29.25 -3.02
CA GLN D 500 6.80 28.88 -3.64
C GLN D 500 5.60 29.20 -2.75
N GLY D 501 5.74 28.99 -1.44
CA GLY D 501 4.64 29.28 -0.53
C GLY D 501 4.35 30.77 -0.39
N SER D 502 5.40 31.59 -0.43
CA SER D 502 5.18 33.04 -0.40
C SER D 502 4.52 33.51 -1.69
N ALA D 503 4.92 32.94 -2.83
CA ALA D 503 4.22 33.23 -4.07
C ALA D 503 2.76 32.79 -4.01
N ALA D 504 2.44 31.76 -3.22
CA ALA D 504 1.05 31.39 -3.04
C ALA D 504 0.32 32.41 -2.16
N ASP D 505 1.01 32.96 -1.15
CA ASP D 505 0.38 33.97 -0.33
C ASP D 505 -0.05 35.17 -1.17
N ILE D 506 0.80 35.59 -2.11
CA ILE D 506 0.58 36.84 -2.83
C ILE D 506 -0.63 36.74 -3.76
N ILE D 507 -0.69 35.70 -4.59
CA ILE D 507 -1.84 35.53 -5.50
C ILE D 507 -3.15 35.38 -4.71
N LYS D 508 -3.10 34.71 -3.56
CA LYS D 508 -4.31 34.54 -2.75
C LYS D 508 -4.82 35.89 -2.22
N LYS D 509 -3.91 36.78 -1.81
CA LYS D 509 -4.38 38.09 -1.37
C LYS D 509 -4.80 38.95 -2.55
N ALA D 510 -4.04 38.90 -3.66
CA ALA D 510 -4.49 39.54 -4.89
C ALA D 510 -5.91 39.14 -5.26
N MET D 511 -6.25 37.86 -5.15
CA MET D 511 -7.60 37.43 -5.47
C MET D 511 -8.63 38.10 -4.56
N ILE D 512 -8.33 38.18 -3.26
CA ILE D 512 -9.25 38.81 -2.32
C ILE D 512 -9.38 40.31 -2.62
N ASP D 513 -8.25 40.97 -2.84
CA ASP D 513 -8.26 42.38 -3.21
C ASP D 513 -9.03 42.60 -4.51
N LEU D 514 -8.78 41.74 -5.51
CA LEU D 514 -9.37 41.92 -6.83
C LEU D 514 -10.89 41.82 -6.78
N ASN D 515 -11.42 40.83 -6.06
CA ASN D 515 -12.88 40.68 -5.98
C ASN D 515 -13.53 41.88 -5.33
N ALA D 516 -12.86 42.50 -4.34
CA ALA D 516 -13.44 43.67 -3.68
C ALA D 516 -13.50 44.88 -4.62
N ARG D 517 -12.43 45.13 -5.39
CA ARG D 517 -12.47 46.23 -6.36
C ARG D 517 -13.56 46.01 -7.40
N LEU D 518 -13.66 44.77 -7.93
CA LEU D 518 -14.70 44.48 -8.91
C LEU D 518 -16.08 44.79 -8.36
N LYS D 519 -16.31 44.46 -7.09
CA LYS D 519 -17.63 44.63 -6.51
C LYS D 519 -17.97 46.09 -6.28
N GLU D 520 -16.96 46.96 -6.09
CA GLU D 520 -17.25 48.32 -5.69
C GLU D 520 -17.26 49.31 -6.85
N GLU D 521 -16.75 48.94 -8.03
CA GLU D 521 -17.16 49.64 -9.24
C GLU D 521 -18.20 48.85 -10.03
N ARG D 522 -18.78 47.81 -9.41
CA ARG D 522 -19.92 47.07 -9.93
C ARG D 522 -19.71 46.61 -11.37
N LEU D 523 -18.59 45.94 -11.60
CA LEU D 523 -18.30 45.31 -12.88
C LEU D 523 -18.86 43.89 -12.92
N GLN D 524 -19.22 43.44 -14.12
CA GLN D 524 -19.72 42.09 -14.31
C GLN D 524 -18.61 41.05 -14.41
N ALA D 525 -17.36 41.50 -14.61
CA ALA D 525 -16.21 40.60 -14.61
C ALA D 525 -16.20 39.75 -13.34
N HIS D 526 -15.95 38.46 -13.52
CA HIS D 526 -15.75 37.58 -12.36
C HIS D 526 -14.62 36.61 -12.66
N LEU D 527 -14.01 36.14 -11.58
CA LEU D 527 -12.96 35.13 -11.68
C LEU D 527 -13.53 33.81 -12.18
N LEU D 528 -12.75 33.12 -13.00
CA LEU D 528 -13.03 31.74 -13.38
C LEU D 528 -11.98 30.78 -12.85
N LEU D 529 -10.69 31.08 -13.04
CA LEU D 529 -9.61 30.15 -12.69
C LEU D 529 -8.43 30.87 -12.05
N GLN D 530 -7.68 30.11 -11.26
CA GLN D 530 -6.36 30.49 -10.78
C GLN D 530 -5.42 29.40 -11.24
N VAL D 531 -4.34 29.78 -11.90
CA VAL D 531 -3.35 28.81 -12.35
C VAL D 531 -2.04 29.13 -11.65
N HIS D 532 -2.03 29.01 -10.32
CA HIS D 532 -0.84 29.10 -9.44
C HIS D 532 -0.24 30.50 -9.33
N ASP D 533 -0.03 31.18 -10.46
CA ASP D 533 0.42 32.56 -10.49
C ASP D 533 -0.32 33.36 -11.56
N GLU D 534 -1.51 32.87 -11.93
CA GLU D 534 -2.31 33.53 -13.00
C GLU D 534 -3.79 33.55 -12.62
N LEU D 535 -4.48 34.58 -13.07
CA LEU D 535 -5.92 34.71 -12.85
C LEU D 535 -6.62 34.81 -14.20
N ILE D 536 -7.66 34.00 -14.35
CA ILE D 536 -8.48 33.97 -15.57
C ILE D 536 -9.85 34.48 -15.18
N LEU D 537 -10.30 35.52 -15.87
CA LEU D 537 -11.63 36.09 -15.70
C LEU D 537 -12.36 36.06 -17.03
N GLU D 538 -13.67 36.20 -16.97
CA GLU D 538 -14.45 36.56 -18.15
C GLU D 538 -15.22 37.83 -17.83
N ALA D 539 -15.57 38.57 -18.88
CA ALA D 539 -16.28 39.83 -18.71
C ALA D 539 -16.80 40.29 -20.06
N PRO D 540 -17.81 41.17 -20.07
CA PRO D 540 -18.23 41.83 -21.32
C PRO D 540 -17.06 42.51 -22.02
N LYS D 541 -17.15 42.64 -23.36
CA LYS D 541 -16.13 43.37 -24.11
C LYS D 541 -16.03 44.81 -23.64
N GLU D 542 -17.17 45.42 -23.30
CA GLU D 542 -17.21 46.74 -22.69
C GLU D 542 -16.13 46.94 -21.64
N GLU D 543 -15.97 45.97 -20.74
CA GLU D 543 -15.13 46.15 -19.56
C GLU D 543 -13.66 45.81 -19.80
N MET D 544 -13.27 45.38 -21.01
CA MET D 544 -11.91 44.90 -21.21
C MET D 544 -10.88 45.99 -20.92
N GLU D 545 -11.15 47.23 -21.35
CA GLU D 545 -10.14 48.28 -21.16
C GLU D 545 -10.01 48.66 -19.71
N ARG D 546 -11.11 48.61 -18.94
CA ARG D 546 -11.01 48.85 -17.50
C ARG D 546 -10.21 47.76 -16.81
N LEU D 547 -10.54 46.49 -17.06
CA LEU D 547 -9.76 45.39 -16.50
C LEU D 547 -8.28 45.50 -16.89
N CYS D 548 -7.98 46.11 -18.05
CA CYS D 548 -6.61 46.18 -18.51
C CYS D 548 -5.73 46.95 -17.52
N ARG D 549 -6.27 47.99 -16.87
CA ARG D 549 -5.53 48.64 -15.81
C ARG D 549 -5.86 48.09 -14.43
N LEU D 550 -7.11 47.68 -14.20
CA LEU D 550 -7.52 47.32 -12.85
C LEU D 550 -6.82 46.07 -12.33
N VAL D 551 -6.94 44.95 -13.05
CA VAL D 551 -6.49 43.69 -12.45
C VAL D 551 -4.97 43.62 -12.41
N PRO D 552 -4.22 44.19 -13.36
CA PRO D 552 -2.76 44.28 -13.13
C PRO D 552 -2.40 45.15 -11.93
N GLU D 553 -3.08 46.30 -11.75
CA GLU D 553 -2.82 47.16 -10.60
C GLU D 553 -2.98 46.40 -9.29
N VAL D 554 -4.12 45.74 -9.12
CA VAL D 554 -4.39 45.01 -7.88
C VAL D 554 -3.33 43.94 -7.63
N MET D 555 -2.92 43.23 -8.69
CA MET D 555 -1.98 42.11 -8.53
C MET D 555 -0.57 42.60 -8.19
N GLU D 556 -0.14 43.70 -8.82
CA GLU D 556 1.18 44.24 -8.53
C GLU D 556 1.25 44.95 -7.19
N GLN D 557 0.10 45.26 -6.58
CA GLN D 557 0.04 45.96 -5.31
C GLN D 557 -0.43 45.09 -4.15
N ALA D 558 -0.68 43.80 -4.38
CA ALA D 558 -1.18 42.93 -3.32
C ALA D 558 -0.27 43.00 -2.10
N VAL D 559 1.00 42.65 -2.26
CA VAL D 559 2.00 42.88 -1.22
C VAL D 559 3.01 43.89 -1.77
N THR D 560 3.72 44.54 -0.85
CA THR D 560 4.83 45.41 -1.21
C THR D 560 6.12 44.71 -0.84
N LEU D 561 7.05 44.65 -1.78
CA LEU D 561 8.30 43.92 -1.65
C LEU D 561 9.48 44.86 -1.88
N ARG D 562 10.68 44.35 -1.59
CA ARG D 562 11.89 45.10 -1.88
C ARG D 562 12.14 45.26 -3.37
N VAL D 563 11.40 44.53 -4.20
CA VAL D 563 11.43 44.69 -5.66
C VAL D 563 10.01 44.89 -6.13
N PRO D 564 9.82 45.38 -7.36
CA PRO D 564 8.47 45.52 -7.90
C PRO D 564 7.92 44.20 -8.46
N LEU D 565 6.61 44.04 -8.33
CA LEU D 565 5.90 42.96 -9.00
C LEU D 565 5.44 43.43 -10.37
N LYS D 566 5.57 42.55 -11.36
CA LYS D 566 5.23 42.84 -12.75
C LYS D 566 4.20 41.83 -13.24
N VAL D 567 3.14 42.30 -13.89
CA VAL D 567 2.02 41.47 -14.33
C VAL D 567 1.78 41.69 -15.82
N ASP D 568 1.86 40.62 -16.61
CA ASP D 568 1.52 40.62 -18.02
C ASP D 568 0.08 40.14 -18.20
N TYR D 569 -0.58 40.65 -19.23
CA TYR D 569 -1.99 40.34 -19.42
C TYR D 569 -2.35 40.32 -20.90
N HIS D 570 -3.40 39.56 -21.23
CA HIS D 570 -3.96 39.47 -22.57
C HIS D 570 -5.44 39.15 -22.46
N TYR D 571 -6.17 39.37 -23.56
CA TYR D 571 -7.58 38.99 -23.64
C TYR D 571 -7.95 38.63 -25.07
N GLY D 572 -9.07 37.95 -25.21
CA GLY D 572 -9.46 37.39 -26.50
C GLY D 572 -10.75 36.60 -26.35
N SER D 573 -11.18 36.00 -27.47
CA SER D 573 -12.49 35.35 -27.48
C SER D 573 -12.47 33.91 -26.96
N THR D 574 -11.32 33.25 -26.94
CA THR D 574 -11.14 31.98 -26.24
C THR D 574 -9.98 32.11 -25.26
N TRP D 575 -9.82 31.11 -24.40
CA TRP D 575 -8.65 31.06 -23.53
C TRP D 575 -7.37 31.01 -24.36
N TYR D 576 -7.42 30.32 -25.50
CA TYR D 576 -6.31 30.26 -26.44
C TYR D 576 -5.88 31.66 -26.88
N ASP D 577 -6.84 32.55 -27.14
CA ASP D 577 -6.52 33.89 -27.61
C ASP D 577 -6.07 34.83 -26.49
N ALA D 578 -6.38 34.49 -25.23
CA ALA D 578 -5.86 35.26 -24.11
C ALA D 578 -4.40 34.88 -23.84
N LYS D 579 -3.57 35.07 -24.87
CA LYS D 579 -2.17 34.63 -24.90
C LYS D 579 -1.20 35.80 -24.90
N1 C42 E 9 3.96 25.18 -12.99
N1 C42 E 9 3.93 25.47 -13.12
C2 C42 E 9 4.72 24.62 -12.07
C2 C42 E 9 4.67 24.94 -12.15
N3 C42 E 9 5.64 23.72 -12.39
N3 C42 E 9 5.60 24.05 -12.41
C4 C42 E 9 5.81 23.38 -13.65
C4 C42 E 9 5.81 23.65 -13.65
C5 C42 E 9 5.02 23.95 -14.65
C5 C42 E 9 5.06 24.18 -14.69
C6 C42 E 9 4.08 24.88 -14.27
C6 C42 E 9 4.09 25.12 -14.38
O2 C42 E 9 4.59 24.92 -10.94
O2 C42 E 9 4.50 25.29 -11.03
N4 C42 E 9 6.82 22.39 -14.00
N4 C42 E 9 6.84 22.65 -13.95
C1' C42 E 9 3.05 26.09 -12.61
C1' C42 E 9 2.98 26.37 -12.79
C2' C42 E 9 3.67 27.48 -12.66
C2' C42 E 9 3.49 27.81 -12.90
C3' C42 E 9 3.13 28.03 -13.97
C3' C42 E 9 2.84 28.32 -14.18
C4' C42 E 9 1.67 27.34 -14.04
C4' C42 E 9 1.46 27.46 -14.23
O4' C42 E 9 1.84 26.12 -13.63
O4' C42 E 9 1.75 26.29 -13.76
C5' C42 E 9 1.15 27.35 -15.48
C5' C42 E 9 0.99 27.38 -15.68
O5' C42 E 9 2.16 26.91 -16.33
O5' C42 E 9 2.10 27.11 -16.48
P C42 E 9 1.81 26.72 -17.93
P C42 E 9 1.94 26.62 -18.06
O1P C42 E 9 3.07 26.52 -18.72
O1P C42 E 9 3.30 26.15 -18.51
O3P C42 E 9 1.00 27.90 -18.42
O3P C42 E 9 1.35 27.70 -18.91
N C42 E 9 3.02 29.52 -13.91
N C42 E 9 2.52 29.78 -14.12
P1 DPO G . -9.07 -35.33 11.56
O1 DPO G . -9.77 -34.90 10.29
O2 DPO G . -7.65 -35.71 11.22
O3 DPO G . -9.76 -36.54 12.13
O4 DPO G . -9.21 -34.12 12.68
P2 DPO G . -8.50 -32.62 12.77
O5 DPO G . -8.79 -31.88 11.48
O6 DPO G . -7.01 -32.78 13.03
O7 DPO G . -9.15 -31.83 13.89
PG DGT H . -9.04 -35.49 11.65
O1G DGT H . -9.90 -35.29 10.43
O2G DGT H . -7.60 -35.63 11.22
O3G DGT H . -9.48 -36.73 12.38
O3B DGT H . -9.20 -34.18 12.65
PB DGT H . -8.34 -32.80 12.46
O1B DGT H . -8.95 -31.70 13.30
O2B DGT H . -6.92 -33.02 12.88
O3A DGT H . -8.41 -32.41 10.86
PA DGT H . -7.17 -31.73 10.01
O1A DGT H . -7.62 -31.46 8.58
O2A DGT H . -6.01 -32.69 9.99
O5' DGT H . -6.71 -30.32 10.72
C5' DGT H . -5.67 -30.34 11.63
C4' DGT H . -5.71 -29.01 12.43
O4' DGT H . -5.79 -28.03 11.63
C3' DGT H . -7.04 -28.95 13.26
O3' DGT H . -6.83 -29.52 14.49
C2' DGT H . -7.29 -27.50 13.39
C1' DGT H . -6.82 -26.97 12.28
N9 DGT H . -7.91 -26.71 11.37
C8 DGT H . -8.25 -27.46 10.34
N7 DGT H . -9.30 -26.94 9.75
C5 DGT H . -9.66 -25.83 10.41
C6 DGT H . -10.67 -24.86 10.28
O6 DGT H . -11.60 -24.94 9.24
N1 DGT H . -10.72 -23.86 11.15
C2 DGT H . -9.85 -23.75 12.14
N2 DGT H . -9.95 -22.64 13.06
N3 DGT H . -8.89 -24.64 12.29
C4 DGT H . -8.76 -25.69 11.46
CA CA I . -5.31 -34.67 10.98
S SO4 J . -19.43 -37.04 26.48
O1 SO4 J . -19.78 -35.98 25.53
O2 SO4 J . -18.55 -38.03 25.84
O3 SO4 J . -20.67 -37.67 26.93
O4 SO4 J . -18.75 -36.52 27.66
S SO4 K . -22.22 -40.89 28.46
O1 SO4 K . -23.58 -40.38 28.64
O2 SO4 K . -22.18 -41.57 27.15
O3 SO4 K . -21.87 -41.72 29.60
O4 SO4 K . -21.27 -39.79 28.48
S SO4 L . 48.11 -19.89 8.20
O1 SO4 L . 48.16 -18.42 8.18
O2 SO4 L . 47.50 -20.37 6.95
O3 SO4 L . 49.47 -20.42 8.29
O4 SO4 L . 47.33 -20.35 9.34
S SO4 M . 9.92 -29.96 -18.20
O1 SO4 M . 9.12 -29.82 -19.42
O2 SO4 M . 10.81 -28.79 -18.12
O3 SO4 M . 10.67 -31.22 -18.27
O4 SO4 M . 9.06 -29.98 -17.02
S SO4 N . 40.44 -21.00 18.78
O1 SO4 N . 40.94 -19.73 18.23
O2 SO4 N . 40.19 -21.97 17.70
O3 SO4 N . 41.45 -21.57 19.68
O4 SO4 N . 39.21 -20.75 19.53
S SO4 O . 1.91 -11.37 -7.70
O1 SO4 O . 2.41 -10.21 -8.44
O2 SO4 O . 0.59 -11.75 -8.22
O3 SO4 O . 2.82 -12.53 -7.86
O4 SO4 O . 1.78 -10.99 -6.29
P1 DPO P . 7.10 34.42 -16.62
O1 DPO P . 7.58 33.42 -17.64
O2 DPO P . 5.64 34.23 -16.36
O3 DPO P . 7.35 35.83 -17.11
O4 DPO P . 7.90 34.16 -15.22
P2 DPO P . 7.47 32.93 -14.19
O5 DPO P . 6.99 31.79 -15.04
O6 DPO P . 6.36 33.41 -13.28
O7 DPO P . 8.67 32.50 -13.38
PG DGT Q . 7.29 34.18 -16.54
O1G DGT Q . 7.58 33.23 -17.68
O2G DGT Q . 5.81 34.20 -16.23
O3G DGT Q . 7.72 35.58 -16.88
O3B DGT Q . 8.17 33.70 -15.24
PB DGT Q . 7.64 32.70 -14.04
O1B DGT Q . 8.77 32.46 -13.06
O2B DGT Q . 6.45 33.36 -13.36
O3A DGT Q . 7.24 31.28 -14.78
PA DGT Q . 5.79 30.48 -14.71
O1A DGT Q . 5.83 29.45 -15.80
O2A DGT Q . 4.68 31.47 -14.88
O5' DGT Q . 5.79 29.78 -13.21
C5' DGT Q . 5.55 30.55 -12.05
C4' DGT Q . 6.21 29.84 -10.82
O4' DGT Q . 5.94 28.59 -10.76
C3' DGT Q . 7.77 29.89 -10.95
O3' DGT Q . 8.22 31.11 -10.55
C2' DGT Q . 8.18 28.76 -10.05
C1' DGT Q . 7.27 27.82 -10.28
N9 DGT Q . 7.83 26.99 -11.31
C8 DGT Q . 7.58 27.01 -12.61
N7 DGT Q . 8.34 26.14 -13.24
C5 DGT Q . 9.13 25.55 -12.33
C6 DGT Q . 10.12 24.56 -12.34
O6 DGT Q . 10.53 23.95 -13.52
N1 DGT Q . 10.70 24.21 -11.21
C2 DGT Q . 10.37 24.75 -10.05
N2 DGT Q . 11.05 24.30 -8.84
N3 DGT Q . 9.44 25.68 -10.00
C4 DGT Q . 8.81 26.09 -11.10
CA CA R . 4.15 33.69 -14.53
S SO4 S . -22.14 15.64 -24.13
O1 SO4 S . -23.09 16.16 -25.15
O2 SO4 S . -21.19 14.68 -24.69
O3 SO4 S . -21.44 16.81 -23.61
O4 SO4 S . -22.83 14.93 -23.04
S SO4 T . 23.61 -2.51 -27.20
O1 SO4 T . 24.01 -1.47 -28.15
O2 SO4 T . 22.98 -3.61 -27.95
O3 SO4 T . 24.81 -3.05 -26.55
O4 SO4 T . 22.69 -1.95 -26.19
S SO4 U . -6.60 5.18 -9.66
O1 SO4 U . -7.83 5.94 -9.40
O2 SO4 U . -6.38 5.13 -11.11
O3 SO4 U . -5.47 5.84 -8.97
O4 SO4 U . -6.74 3.82 -9.14
#